data_7OPY
#
_entry.id   7OPY
#
_cell.length_a   50.388
_cell.length_b   177.376
_cell.length_c   59.420
_cell.angle_alpha   90.000
_cell.angle_beta   115.002
_cell.angle_gamma   90.000
#
_symmetry.space_group_name_H-M   'P 1 21 1'
#
loop_
_entity.id
_entity.type
_entity.pdbx_description
1 polymer 'Glutathione transferase'
2 non-polymer S-(P-NITROBENZYL)GLUTATHIONE
3 non-polymer 'SODIUM ION'
4 non-polymer 'FORMIC ACID'
5 water water
#
_entity_poly.entity_id   1
_entity_poly.type   'polypeptide(L)'
_entity_poly.pdbx_seq_one_letter_code
;MPMILGYWDIRGLAHAIRLLLEYTGSDYEEKIYSMGDAPDYDRSQWLSEKFKLGLDFPNLPYLIDGAHRLTQSNAILRYI
ARKHNL(CSO)GETEEEKIRVDVLENQAMDTRLDFARVCYNPDFEKLKPGFLKEIPEKMKLFSEFLGKRTWFAGDKLNYV
DFLAYDVLDVYRIFEPKCLDEFPNLKDFMSRFEGLKKISAYMKSSRFLRSPLFLKMAMWGNK
;
_entity_poly.pdbx_strand_id   F,A,B,C
#
loop_
_chem_comp.id
_chem_comp.type
_chem_comp.name
_chem_comp.formula
FMT non-polymer 'FORMIC ACID' 'C H2 O2'
GTB non-polymer S-(P-NITROBENZYL)GLUTATHIONE 'C17 H22 N4 O8 S'
NA non-polymer 'SODIUM ION' 'Na 1'
#
# COMPACT_ATOMS: atom_id res chain seq x y z
N PRO A 2 -18.59 -30.85 2.71
CA PRO A 2 -18.38 -29.53 3.33
C PRO A 2 -17.31 -29.55 4.43
N MET A 3 -16.74 -28.38 4.71
CA MET A 3 -15.72 -28.25 5.74
C MET A 3 -16.37 -28.17 7.12
N ILE A 4 -15.70 -28.75 8.12
CA ILE A 4 -16.24 -28.83 9.47
C ILE A 4 -15.31 -28.05 10.40
N LEU A 5 -15.86 -27.05 11.08
CA LEU A 5 -15.13 -26.24 12.04
C LEU A 5 -15.57 -26.62 13.44
N GLY A 6 -14.66 -27.22 14.21
CA GLY A 6 -14.95 -27.58 15.59
C GLY A 6 -14.43 -26.53 16.55
N TYR A 7 -15.33 -26.04 17.41
CA TYR A 7 -14.94 -25.14 18.50
C TYR A 7 -16.00 -25.19 19.60
N TRP A 8 -15.65 -24.59 20.74
CA TRP A 8 -16.59 -24.33 21.81
C TRP A 8 -17.70 -23.41 21.33
N ASP A 9 -18.84 -23.41 22.06
CA ASP A 9 -19.98 -22.58 21.68
C ASP A 9 -19.81 -21.13 22.09
N ILE A 10 -18.62 -20.56 21.88
CA ILE A 10 -18.37 -19.15 22.17
C ILE A 10 -17.72 -18.52 20.95
N ARG A 11 -17.40 -17.23 21.09
CA ARG A 11 -16.61 -16.49 20.11
C ARG A 11 -15.17 -17.00 20.08
N GLY A 12 -14.38 -16.67 21.11
CA GLY A 12 -13.02 -17.15 21.34
C GLY A 12 -12.17 -17.13 20.08
N LEU A 13 -11.28 -18.11 20.00
CA LEU A 13 -10.29 -18.27 18.94
C LEU A 13 -10.91 -18.58 17.60
N ALA A 14 -12.16 -19.01 17.56
CA ALA A 14 -12.73 -19.37 16.27
C ALA A 14 -13.19 -18.15 15.48
N HIS A 15 -13.32 -16.98 16.10
CA HIS A 15 -14.06 -15.88 15.48
C HIS A 15 -13.47 -15.47 14.13
N ALA A 16 -12.15 -15.22 14.10
CA ALA A 16 -11.53 -14.83 12.84
C ALA A 16 -11.66 -15.90 11.78
N ILE A 17 -11.67 -17.18 12.19
CA ILE A 17 -11.86 -18.26 11.23
C ILE A 17 -13.27 -18.23 10.66
N ARG A 18 -14.28 -17.95 11.50
CA ARG A 18 -15.66 -17.91 11.02
C ARG A 18 -15.86 -16.79 10.01
N LEU A 19 -15.23 -15.63 10.24
CA LEU A 19 -15.34 -14.52 9.31
C LEU A 19 -14.68 -14.86 7.97
N LEU A 20 -13.46 -15.40 8.01
CA LEU A 20 -12.78 -15.75 6.77
C LEU A 20 -13.56 -16.80 5.99
N LEU A 21 -14.06 -17.82 6.70
CA LEU A 21 -14.93 -18.82 6.06
C LEU A 21 -16.12 -18.17 5.38
N GLU A 22 -16.75 -17.19 6.05
CA GLU A 22 -17.88 -16.50 5.45
C GLU A 22 -17.43 -15.68 4.25
N TYR A 23 -16.35 -14.90 4.43
CA TYR A 23 -15.92 -13.99 3.39
C TYR A 23 -15.49 -14.75 2.13
N THR A 24 -14.83 -15.88 2.30
CA THR A 24 -14.45 -16.65 1.13
C THR A 24 -15.61 -17.46 0.53
N GLY A 25 -16.82 -17.33 1.06
CA GLY A 25 -17.94 -18.11 0.55
C GLY A 25 -17.73 -19.60 0.66
N SER A 26 -16.96 -20.04 1.65
CA SER A 26 -16.67 -21.47 1.80
C SER A 26 -17.91 -22.24 2.22
N ASP A 27 -17.97 -23.51 1.79
CA ASP A 27 -19.04 -24.43 2.15
C ASP A 27 -18.68 -25.09 3.48
N TYR A 28 -19.29 -24.64 4.57
CA TYR A 28 -18.80 -25.07 5.87
C TYR A 28 -19.94 -25.26 6.85
N GLU A 29 -19.72 -26.20 7.78
CA GLU A 29 -20.61 -26.50 8.89
C GLU A 29 -19.82 -26.49 10.19
N GLU A 30 -20.48 -26.12 11.28
CA GLU A 30 -19.82 -26.01 12.57
C GLU A 30 -20.16 -27.20 13.45
N LYS A 31 -19.14 -27.88 13.95
CA LYS A 31 -19.32 -28.83 15.04
C LYS A 31 -19.13 -28.05 16.34
N ILE A 32 -20.23 -27.80 17.04
CA ILE A 32 -20.23 -26.91 18.21
C ILE A 32 -20.19 -27.77 19.47
N TYR A 33 -19.16 -27.59 20.28
CA TYR A 33 -19.05 -28.28 21.56
C TYR A 33 -19.51 -27.34 22.68
N SER A 34 -20.41 -27.85 23.50
CA SER A 34 -20.92 -27.15 24.67
C SER A 34 -20.14 -27.61 25.90
N MET A 35 -19.94 -26.71 26.84
CA MET A 35 -19.17 -26.99 28.04
C MET A 35 -20.10 -26.92 29.23
N GLY A 36 -19.82 -27.72 30.25
CA GLY A 36 -20.65 -27.69 31.43
C GLY A 36 -20.47 -26.40 32.23
N ASP A 37 -21.44 -26.18 33.13
CA ASP A 37 -21.40 -25.07 34.06
C ASP A 37 -20.38 -25.35 35.18
N ALA A 38 -20.07 -24.29 35.94
CA ALA A 38 -19.28 -24.45 37.15
C ALA A 38 -19.97 -25.46 38.08
N PRO A 39 -19.22 -26.17 38.93
CA PRO A 39 -17.77 -26.03 39.19
C PRO A 39 -16.90 -26.90 38.31
N ASP A 40 -17.50 -27.90 37.63
CA ASP A 40 -16.74 -28.87 36.84
C ASP A 40 -16.39 -28.36 35.45
N TYR A 41 -17.23 -27.51 34.86
CA TYR A 41 -17.02 -27.04 33.50
C TYR A 41 -16.80 -28.25 32.56
N ASP A 42 -17.76 -29.16 32.62
CA ASP A 42 -17.60 -30.47 31.98
C ASP A 42 -17.27 -30.34 30.50
N ARG A 43 -16.18 -31.00 30.08
CA ARG A 43 -15.70 -30.96 28.72
C ARG A 43 -15.95 -32.28 27.96
N SER A 44 -16.83 -33.15 28.46
CA SER A 44 -16.91 -34.49 27.88
C SER A 44 -17.41 -34.48 26.43
N GLN A 45 -18.26 -33.52 26.04
CA GLN A 45 -18.70 -33.45 24.65
C GLN A 45 -17.52 -33.46 23.67
N TRP A 46 -16.42 -32.82 24.06
CA TRP A 46 -15.21 -32.76 23.23
C TRP A 46 -14.25 -33.90 23.54
N LEU A 47 -13.96 -34.15 24.82
CA LEU A 47 -13.03 -35.22 25.17
C LEU A 47 -13.55 -36.58 24.71
N SER A 48 -14.88 -36.71 24.55
CA SER A 48 -15.48 -37.90 23.95
C SER A 48 -14.84 -38.25 22.62
N GLU A 49 -14.56 -37.24 21.78
CA GLU A 49 -14.13 -37.45 20.41
C GLU A 49 -12.72 -36.94 20.10
N LYS A 50 -12.17 -36.03 20.93
CA LYS A 50 -10.87 -35.37 20.74
C LYS A 50 -9.82 -36.23 20.04
N PHE A 51 -9.71 -37.50 20.45
CA PHE A 51 -8.66 -38.36 19.93
C PHE A 51 -9.18 -39.32 18.86
N LYS A 52 -10.39 -39.10 18.36
CA LYS A 52 -10.97 -40.02 17.37
C LYS A 52 -11.33 -39.30 16.07
N LEU A 53 -10.66 -38.18 15.78
CA LEU A 53 -10.97 -37.40 14.60
C LEU A 53 -9.83 -37.34 13.59
N GLY A 54 -8.77 -38.14 13.78
CA GLY A 54 -7.65 -38.11 12.86
C GLY A 54 -6.73 -36.91 13.00
N LEU A 55 -6.82 -36.15 14.07
CA LEU A 55 -5.99 -34.93 14.22
C LEU A 55 -4.55 -35.28 14.65
N ASP A 56 -3.56 -34.68 14.00
CA ASP A 56 -2.19 -34.95 14.42
C ASP A 56 -1.93 -34.40 15.82
N PHE A 57 -2.38 -33.17 16.10
CA PHE A 57 -2.20 -32.53 17.41
C PHE A 57 -3.58 -32.08 17.89
N PRO A 58 -4.40 -32.99 18.44
CA PRO A 58 -5.81 -32.65 18.71
C PRO A 58 -5.96 -31.39 19.54
N ASN A 59 -6.83 -30.49 19.08
CA ASN A 59 -7.01 -29.19 19.70
C ASN A 59 -8.31 -28.58 19.19
N LEU A 60 -8.71 -27.48 19.83
CA LEU A 60 -9.79 -26.61 19.33
C LEU A 60 -9.25 -25.20 19.11
N PRO A 61 -9.55 -24.53 17.98
CA PRO A 61 -10.38 -25.00 16.86
C PRO A 61 -9.73 -26.09 16.03
N TYR A 62 -10.52 -26.92 15.34
CA TYR A 62 -10.01 -27.78 14.28
C TYR A 62 -10.81 -27.50 13.01
N LEU A 63 -10.25 -27.93 11.88
CA LEU A 63 -10.92 -27.86 10.59
C LEU A 63 -10.72 -29.17 9.86
N ILE A 64 -11.81 -29.75 9.38
CA ILE A 64 -11.79 -30.95 8.58
C ILE A 64 -12.19 -30.56 7.17
N ASP A 65 -11.29 -30.76 6.20
CA ASP A 65 -11.57 -30.48 4.78
C ASP A 65 -11.14 -31.68 3.92
N GLY A 66 -12.08 -32.58 3.66
CA GLY A 66 -11.71 -33.78 2.91
C GLY A 66 -10.72 -34.59 3.70
N ALA A 67 -9.56 -34.87 3.09
CA ALA A 67 -8.48 -35.56 3.79
C ALA A 67 -7.69 -34.66 4.73
N HIS A 68 -7.63 -33.35 4.47
CA HIS A 68 -6.87 -32.44 5.34
C HIS A 68 -7.58 -32.22 6.68
N ARG A 69 -6.89 -32.56 7.78
CA ARG A 69 -7.41 -32.36 9.14
C ARG A 69 -6.42 -31.47 9.89
N LEU A 70 -6.84 -30.25 10.23
CA LEU A 70 -5.91 -29.24 10.75
C LEU A 70 -6.30 -28.82 12.16
N THR A 71 -5.31 -28.51 12.98
CA THR A 71 -5.56 -27.68 14.15
C THR A 71 -4.63 -26.45 14.07
N GLN A 72 -4.59 -25.68 15.15
CA GLN A 72 -3.87 -24.40 15.25
C GLN A 72 -4.59 -23.33 14.46
N SER A 73 -5.27 -22.43 15.19
CA SER A 73 -6.09 -21.38 14.56
C SER A 73 -5.34 -20.63 13.45
N ASN A 74 -4.05 -20.33 13.64
CA ASN A 74 -3.33 -19.60 12.59
C ASN A 74 -3.15 -20.46 11.34
N ALA A 75 -2.84 -21.74 11.51
CA ALA A 75 -2.71 -22.64 10.36
C ALA A 75 -4.03 -22.78 9.62
N ILE A 76 -5.14 -22.80 10.37
CA ILE A 76 -6.45 -22.91 9.72
C ILE A 76 -6.69 -21.70 8.84
N LEU A 77 -6.42 -20.50 9.40
CA LEU A 77 -6.61 -19.26 8.63
C LEU A 77 -5.75 -19.25 7.37
N ARG A 78 -4.49 -19.68 7.48
CA ARG A 78 -3.61 -19.67 6.31
C ARG A 78 -4.03 -20.72 5.29
N TYR A 79 -4.53 -21.87 5.76
CA TYR A 79 -5.06 -22.89 4.85
C TYR A 79 -6.20 -22.35 4.01
N ILE A 80 -7.14 -21.65 4.65
CA ILE A 80 -8.24 -21.04 3.92
C ILE A 80 -7.73 -19.93 3.00
N ALA A 81 -6.76 -19.14 3.47
CA ALA A 81 -6.26 -18.01 2.69
C ALA A 81 -5.58 -18.48 1.41
N ARG A 82 -4.82 -19.58 1.48
CA ARG A 82 -4.13 -20.06 0.29
C ARG A 82 -5.09 -20.54 -0.78
N LYS A 83 -6.29 -20.98 -0.39
CA LYS A 83 -7.29 -21.40 -1.36
C LYS A 83 -7.91 -20.22 -2.09
N HIS A 84 -7.83 -19.02 -1.53
CA HIS A 84 -8.52 -17.86 -2.09
C HIS A 84 -7.58 -16.67 -2.30
N ASN A 85 -6.28 -16.91 -2.43
CA ASN A 85 -5.29 -15.85 -2.57
C ASN A 85 -5.53 -14.72 -1.58
N LEU A 86 -5.51 -15.03 -0.30
CA LEU A 86 -5.69 -13.98 0.69
C LEU A 86 -4.41 -13.79 1.48
N CSO A 87 -3.30 -14.10 0.84
CA CSO A 87 -2.01 -13.77 1.41
CB CSO A 87 -1.17 -15.03 1.65
SG CSO A 87 -2.07 -16.54 1.27
C CSO A 87 -1.24 -12.78 0.56
O CSO A 87 -1.50 -12.61 -0.64
OD CSO A 87 -1.65 -17.75 2.52
N GLY A 88 -0.28 -12.12 1.20
CA GLY A 88 0.50 -11.11 0.54
C GLY A 88 1.27 -11.70 -0.61
N GLU A 89 1.63 -10.84 -1.56
CA GLU A 89 2.38 -11.29 -2.73
C GLU A 89 3.80 -10.74 -2.77
N THR A 90 4.00 -9.49 -2.39
CA THR A 90 5.36 -8.96 -2.34
C THR A 90 6.05 -9.38 -1.03
N GLU A 91 7.38 -9.31 -1.05
CA GLU A 91 8.14 -9.65 0.13
C GLU A 91 7.84 -8.68 1.27
N GLU A 92 7.53 -7.43 0.93
CA GLU A 92 7.14 -6.48 1.96
C GLU A 92 5.80 -6.89 2.58
N GLU A 93 4.85 -7.32 1.76
CA GLU A 93 3.55 -7.74 2.30
C GLU A 93 3.69 -8.98 3.16
N LYS A 94 4.47 -9.96 2.71
CA LYS A 94 4.64 -11.18 3.48
C LYS A 94 5.28 -10.89 4.84
N ILE A 95 6.20 -9.92 4.89
CA ILE A 95 6.80 -9.55 6.17
C ILE A 95 5.75 -8.93 7.10
N ARG A 96 4.94 -8.01 6.57
CA ARG A 96 3.92 -7.40 7.41
C ARG A 96 2.91 -8.41 7.90
N VAL A 97 2.57 -9.40 7.06
CA VAL A 97 1.64 -10.47 7.44
C VAL A 97 2.21 -11.28 8.60
N ASP A 98 3.44 -11.79 8.45
CA ASP A 98 3.99 -12.71 9.44
C ASP A 98 4.16 -12.02 10.79
N VAL A 99 4.60 -10.75 10.77
CA VAL A 99 4.77 -10.01 12.00
C VAL A 99 3.43 -9.74 12.67
N LEU A 100 2.45 -9.25 11.89
CA LEU A 100 1.16 -8.94 12.50
C LEU A 100 0.42 -10.20 12.97
N GLU A 101 0.52 -11.30 12.22
CA GLU A 101 -0.13 -12.53 12.67
C GLU A 101 0.37 -12.95 14.04
N ASN A 102 1.70 -12.96 14.22
CA ASN A 102 2.29 -13.34 15.52
C ASN A 102 2.02 -12.27 16.58
N GLN A 103 2.07 -10.99 16.20
CA GLN A 103 1.77 -9.93 17.18
C GLN A 103 0.33 -10.03 17.67
N ALA A 104 -0.60 -10.36 16.79
CA ALA A 104 -2.01 -10.37 17.19
C ALA A 104 -2.29 -11.48 18.19
N MET A 105 -1.63 -12.63 18.06
CA MET A 105 -1.79 -13.70 19.05
C MET A 105 -1.21 -13.29 20.40
N ASP A 106 0.00 -12.70 20.40
CA ASP A 106 0.58 -12.23 21.66
C ASP A 106 -0.31 -11.18 22.32
N THR A 107 -0.88 -10.27 21.52
CA THR A 107 -1.76 -9.26 22.10
C THR A 107 -3.07 -9.87 22.60
N ARG A 108 -3.64 -10.80 21.83
CA ARG A 108 -4.83 -11.53 22.30
C ARG A 108 -4.54 -12.19 23.63
N LEU A 109 -3.39 -12.86 23.73
CA LEU A 109 -3.05 -13.64 24.91
C LEU A 109 -2.85 -12.73 26.11
N ASP A 110 -2.27 -11.55 25.90
CA ASP A 110 -2.16 -10.58 26.99
C ASP A 110 -3.53 -10.27 27.58
N PHE A 111 -4.55 -10.16 26.71
CA PHE A 111 -5.88 -9.82 27.20
C PHE A 111 -6.55 -11.03 27.84
N ALA A 112 -6.51 -12.18 27.13
CA ALA A 112 -7.12 -13.41 27.63
C ALA A 112 -6.59 -13.80 29.01
N ARG A 113 -5.29 -13.61 29.24
CA ARG A 113 -4.71 -13.97 30.54
C ARG A 113 -5.31 -13.16 31.68
N VAL A 114 -5.61 -11.88 31.43
CA VAL A 114 -6.18 -11.05 32.50
C VAL A 114 -7.63 -11.46 32.78
N CYS A 115 -8.41 -11.68 31.71
CA CYS A 115 -9.82 -12.00 31.88
C CYS A 115 -10.03 -13.37 32.54
N TYR A 116 -9.20 -14.37 32.19
CA TYR A 116 -9.29 -15.69 32.80
C TYR A 116 -8.66 -15.78 34.18
N ASN A 117 -7.96 -14.74 34.61
CA ASN A 117 -7.27 -14.79 35.89
C ASN A 117 -8.25 -14.50 37.03
N PRO A 118 -8.40 -15.41 38.00
CA PRO A 118 -9.25 -15.10 39.18
C PRO A 118 -8.95 -13.74 39.80
N ASP A 119 -7.70 -13.28 39.73
CA ASP A 119 -7.31 -11.98 40.26
C ASP A 119 -7.60 -10.84 39.30
N PHE A 120 -8.50 -11.06 38.33
CA PHE A 120 -8.87 -10.07 37.33
C PHE A 120 -9.05 -8.66 37.89
N GLU A 121 -9.85 -8.54 38.96
CA GLU A 121 -10.22 -7.22 39.46
C GLU A 121 -8.99 -6.41 39.88
N LYS A 122 -8.04 -7.03 40.55
CA LYS A 122 -6.83 -6.34 40.98
C LYS A 122 -5.94 -5.99 39.79
N LEU A 123 -5.89 -6.87 38.79
CA LEU A 123 -5.06 -6.66 37.61
C LEU A 123 -5.68 -5.70 36.62
N LYS A 124 -6.99 -5.48 36.67
CA LYS A 124 -7.64 -4.65 35.65
C LYS A 124 -7.05 -3.24 35.53
N PRO A 125 -6.84 -2.49 36.63
CA PRO A 125 -6.32 -1.11 36.45
C PRO A 125 -5.02 -1.04 35.67
N GLY A 126 -4.02 -1.85 36.03
CA GLY A 126 -2.76 -1.84 35.31
C GLY A 126 -2.93 -2.23 33.84
N PHE A 127 -3.75 -3.23 33.56
CA PHE A 127 -3.90 -3.63 32.17
C PHE A 127 -4.52 -2.51 31.34
N LEU A 128 -5.54 -1.85 31.90
CA LEU A 128 -6.13 -0.69 31.23
C LEU A 128 -5.08 0.36 30.87
N LYS A 129 -4.07 0.55 31.71
CA LYS A 129 -3.14 1.62 31.36
C LYS A 129 -2.11 1.16 30.35
N GLU A 130 -2.02 -0.15 30.06
CA GLU A 130 -1.14 -0.61 29.00
C GLU A 130 -1.77 -0.54 27.62
N ILE A 131 -3.09 -0.33 27.54
CA ILE A 131 -3.81 -0.38 26.29
C ILE A 131 -3.46 0.78 25.36
N PRO A 132 -3.31 2.03 25.85
CA PRO A 132 -2.98 3.13 24.91
C PRO A 132 -1.74 2.85 24.09
N GLU A 133 -0.68 2.32 24.72
CA GLU A 133 0.55 2.00 23.99
C GLU A 133 0.36 0.88 22.97
N LYS A 134 -0.40 -0.17 23.30
CA LYS A 134 -0.64 -1.22 22.31
C LYS A 134 -1.34 -0.65 21.08
N MET A 135 -2.38 0.17 21.29
CA MET A 135 -3.15 0.65 20.15
C MET A 135 -2.31 1.60 19.29
N LYS A 136 -1.49 2.42 19.93
CA LYS A 136 -0.59 3.32 19.20
C LYS A 136 0.32 2.54 18.25
N LEU A 137 0.87 1.42 18.71
CA LEU A 137 1.72 0.60 17.85
C LEU A 137 0.95 0.06 16.67
N PHE A 138 -0.25 -0.50 16.90
CA PHE A 138 -1.12 -0.88 15.80
C PHE A 138 -1.42 0.31 14.88
N SER A 139 -1.81 1.46 15.46
CA SER A 139 -2.12 2.65 14.64
C SER A 139 -0.95 3.03 13.73
N GLU A 140 0.25 3.10 14.27
CA GLU A 140 1.37 3.55 13.45
C GLU A 140 1.81 2.48 12.47
N PHE A 141 1.56 1.20 12.79
CA PHE A 141 1.81 0.13 11.84
C PHE A 141 0.88 0.25 10.64
N LEU A 142 -0.43 0.45 10.89
CA LEU A 142 -1.36 0.58 9.77
C LEU A 142 -0.99 1.77 8.90
N GLY A 143 -0.75 2.94 9.50
CA GLY A 143 -0.50 4.13 8.72
C GLY A 143 -1.68 4.44 7.81
N LYS A 144 -1.37 5.01 6.64
CA LYS A 144 -2.38 5.42 5.67
C LYS A 144 -2.79 4.29 4.73
N ARG A 145 -2.28 3.08 4.94
CA ARG A 145 -2.64 1.93 4.12
C ARG A 145 -4.13 1.63 4.22
N THR A 146 -4.68 1.09 3.13
CA THR A 146 -6.07 0.65 3.14
C THR A 146 -6.26 -0.59 4.00
N TRP A 147 -5.27 -1.49 4.04
CA TRP A 147 -5.32 -2.67 4.90
C TRP A 147 -3.97 -2.84 5.57
N PHE A 148 -3.84 -3.84 6.42
CA PHE A 148 -2.62 -3.92 7.22
C PHE A 148 -1.42 -4.36 6.40
N ALA A 149 -1.62 -5.05 5.28
CA ALA A 149 -0.49 -5.57 4.52
C ALA A 149 -0.22 -4.77 3.26
N GLY A 150 -1.13 -3.89 2.87
CA GLY A 150 -0.97 -3.10 1.68
C GLY A 150 -2.31 -2.61 1.18
N ASP A 151 -2.49 -2.61 -0.13
CA ASP A 151 -3.77 -2.23 -0.71
C ASP A 151 -4.70 -3.42 -0.90
N LYS A 152 -4.27 -4.62 -0.53
CA LYS A 152 -5.02 -5.84 -0.81
C LYS A 152 -5.41 -6.50 0.50
N LEU A 153 -6.71 -6.74 0.67
CA LEU A 153 -7.21 -7.42 1.86
C LEU A 153 -6.47 -8.73 2.08
N ASN A 154 -6.19 -9.04 3.34
CA ASN A 154 -5.42 -10.22 3.70
C ASN A 154 -6.10 -10.90 4.88
N TYR A 155 -5.81 -12.19 5.08
CA TYR A 155 -6.33 -12.86 6.26
C TYR A 155 -5.87 -12.18 7.56
N VAL A 156 -4.67 -11.58 7.60
CA VAL A 156 -4.26 -10.95 8.86
C VAL A 156 -5.19 -9.80 9.23
N ASP A 157 -5.92 -9.23 8.28
CA ASP A 157 -6.91 -8.21 8.58
C ASP A 157 -8.02 -8.77 9.46
N PHE A 158 -8.40 -10.02 9.24
CA PHE A 158 -9.44 -10.66 10.05
C PHE A 158 -9.00 -10.80 11.50
N LEU A 159 -7.76 -11.23 11.70
CA LEU A 159 -7.14 -11.27 13.02
C LEU A 159 -7.07 -9.91 13.69
N ALA A 160 -6.61 -8.88 12.94
CA ALA A 160 -6.50 -7.54 13.53
C ALA A 160 -7.87 -7.00 13.90
N TYR A 161 -8.86 -7.18 13.03
CA TYR A 161 -10.22 -6.77 13.39
C TYR A 161 -10.68 -7.48 14.67
N ASP A 162 -10.46 -8.80 14.75
CA ASP A 162 -10.94 -9.55 15.89
C ASP A 162 -10.30 -9.05 17.19
N VAL A 163 -8.98 -8.89 17.20
CA VAL A 163 -8.29 -8.51 18.43
C VAL A 163 -8.61 -7.07 18.80
N LEU A 164 -8.55 -6.16 17.82
CA LEU A 164 -8.98 -4.80 18.10
C LEU A 164 -10.43 -4.74 18.56
N ASP A 165 -11.32 -5.54 17.96
CA ASP A 165 -12.73 -5.53 18.37
C ASP A 165 -12.87 -5.90 19.84
N VAL A 166 -12.06 -6.86 20.29
CA VAL A 166 -12.12 -7.34 21.67
C VAL A 166 -11.62 -6.28 22.64
N TYR A 167 -10.54 -5.60 22.29
CA TYR A 167 -10.03 -4.54 23.17
C TYR A 167 -10.99 -3.37 23.25
N ARG A 168 -11.63 -2.99 22.13
CA ARG A 168 -12.61 -1.91 22.16
C ARG A 168 -13.93 -2.34 22.77
N ILE A 169 -14.24 -3.64 22.81
CA ILE A 169 -15.38 -4.11 23.60
C ILE A 169 -15.06 -3.97 25.08
N PHE A 170 -13.81 -4.24 25.46
CA PHE A 170 -13.39 -4.15 26.85
C PHE A 170 -13.23 -2.69 27.29
N GLU A 171 -12.59 -1.86 26.48
CA GLU A 171 -12.43 -0.44 26.77
C GLU A 171 -12.97 0.31 25.55
N PRO A 172 -14.20 0.83 25.63
CA PRO A 172 -14.83 1.42 24.43
C PRO A 172 -14.17 2.69 23.88
N LYS A 173 -13.28 3.35 24.63
CA LYS A 173 -12.64 4.58 24.16
C LYS A 173 -11.23 4.34 23.61
N CYS A 174 -10.84 3.08 23.43
CA CYS A 174 -9.44 2.74 23.18
C CYS A 174 -9.00 3.06 21.75
N LEU A 175 -9.93 3.21 20.81
CA LEU A 175 -9.57 3.63 19.46
C LEU A 175 -9.77 5.12 19.23
N ASP A 176 -10.22 5.87 20.25
CA ASP A 176 -10.68 7.24 20.04
C ASP A 176 -9.59 8.11 19.42
N GLU A 177 -8.40 8.09 20.00
CA GLU A 177 -7.34 8.97 19.53
C GLU A 177 -6.57 8.40 18.33
N PHE A 178 -7.14 7.41 17.63
CA PHE A 178 -6.51 6.76 16.49
C PHE A 178 -7.55 6.62 15.39
N PRO A 179 -7.76 7.70 14.60
CA PRO A 179 -8.79 7.63 13.56
C PRO A 179 -8.55 6.59 12.49
N ASN A 180 -7.30 6.35 12.10
CA ASN A 180 -7.05 5.38 11.03
C ASN A 180 -7.52 3.98 11.43
N LEU A 181 -7.51 3.67 12.73
CA LEU A 181 -7.99 2.36 13.16
C LEU A 181 -9.52 2.29 13.11
N LYS A 182 -10.20 3.40 13.40
CA LYS A 182 -11.65 3.44 13.27
C LYS A 182 -12.08 3.19 11.81
N ASP A 183 -11.46 3.89 10.86
CA ASP A 183 -11.73 3.66 9.45
C ASP A 183 -11.47 2.22 9.05
N PHE A 184 -10.42 1.61 9.59
CA PHE A 184 -10.17 0.20 9.29
C PHE A 184 -11.34 -0.67 9.71
N MET A 185 -11.94 -0.40 10.88
CA MET A 185 -12.97 -1.29 11.41
C MET A 185 -14.26 -1.14 10.62
N SER A 186 -14.65 0.10 10.30
CA SER A 186 -15.84 0.30 9.49
C SER A 186 -15.68 -0.34 8.12
N ARG A 187 -14.55 -0.07 7.45
CA ARG A 187 -14.33 -0.64 6.13
C ARG A 187 -14.32 -2.16 6.16
N PHE A 188 -13.80 -2.76 7.24
CA PHE A 188 -13.88 -4.21 7.35
C PHE A 188 -15.32 -4.68 7.50
N GLU A 189 -16.10 -4.01 8.35
CA GLU A 189 -17.48 -4.46 8.56
C GLU A 189 -18.33 -4.24 7.32
N GLY A 190 -17.95 -3.28 6.47
CA GLY A 190 -18.71 -2.99 5.26
C GLY A 190 -18.70 -4.10 4.24
N LEU A 191 -17.72 -5.00 4.31
CA LEU A 191 -17.64 -6.13 3.39
C LEU A 191 -18.98 -6.87 3.37
N LYS A 192 -19.51 -7.07 2.16
CA LYS A 192 -20.89 -7.52 2.02
C LYS A 192 -21.11 -8.86 2.71
N LYS A 193 -20.21 -9.82 2.50
CA LYS A 193 -20.36 -11.11 3.14
C LYS A 193 -20.16 -10.99 4.64
N ILE A 194 -19.39 -9.99 5.10
CA ILE A 194 -19.13 -9.81 6.52
C ILE A 194 -20.34 -9.21 7.21
N SER A 195 -20.87 -8.11 6.68
CA SER A 195 -22.06 -7.49 7.28
C SER A 195 -23.23 -8.46 7.32
N ALA A 196 -23.45 -9.21 6.23
CA ALA A 196 -24.53 -10.20 6.19
C ALA A 196 -24.36 -11.27 7.24
N TYR A 197 -23.11 -11.65 7.54
CA TYR A 197 -22.86 -12.60 8.63
C TYR A 197 -23.08 -11.93 9.98
N MET A 198 -22.73 -10.65 10.09
CA MET A 198 -22.86 -9.94 11.36
C MET A 198 -24.32 -9.57 11.67
N LYS A 199 -25.19 -9.54 10.66
CA LYS A 199 -26.58 -9.14 10.82
C LYS A 199 -27.52 -10.33 11.04
N SER A 200 -27.00 -11.54 11.09
CA SER A 200 -27.82 -12.73 11.28
C SER A 200 -27.58 -13.32 12.66
N SER A 201 -28.62 -13.97 13.20
CA SER A 201 -28.61 -14.45 14.58
C SER A 201 -27.60 -15.57 14.82
N ARG A 202 -26.89 -15.99 13.78
CA ARG A 202 -25.64 -16.73 13.99
C ARG A 202 -24.73 -15.96 14.94
N PHE A 203 -24.34 -14.76 14.49
CA PHE A 203 -23.22 -13.99 14.98
C PHE A 203 -23.01 -14.10 16.48
N LEU A 204 -21.91 -14.75 16.85
CA LEU A 204 -21.47 -14.87 18.24
C LEU A 204 -20.44 -13.79 18.50
N ARG A 205 -20.90 -12.54 18.65
CA ARG A 205 -20.03 -11.50 19.20
C ARG A 205 -19.74 -11.76 20.67
N SER A 206 -20.63 -12.48 21.35
CA SER A 206 -20.52 -12.89 22.73
C SER A 206 -21.07 -14.30 22.84
N PRO A 207 -20.65 -15.08 23.85
CA PRO A 207 -19.64 -14.71 24.83
C PRO A 207 -18.23 -14.66 24.24
N LEU A 208 -17.46 -13.64 24.62
CA LEU A 208 -16.06 -13.55 24.20
C LEU A 208 -15.28 -14.79 24.60
N PHE A 209 -15.48 -15.25 25.84
CA PHE A 209 -14.63 -16.23 26.48
C PHE A 209 -15.48 -17.33 27.11
N LEU A 210 -14.79 -18.36 27.62
CA LEU A 210 -15.45 -19.52 28.20
C LEU A 210 -16.09 -19.16 29.54
N LYS A 211 -16.91 -20.09 30.05
CA LYS A 211 -17.70 -19.83 31.24
C LYS A 211 -16.85 -19.46 32.45
N MET A 212 -15.61 -19.94 32.53
CA MET A 212 -14.82 -19.71 33.74
C MET A 212 -14.06 -18.38 33.73
N ALA A 213 -14.08 -17.65 32.62
CA ALA A 213 -13.49 -16.31 32.59
C ALA A 213 -14.14 -15.39 33.61
N MET A 214 -13.34 -14.47 34.16
CA MET A 214 -13.90 -13.45 35.05
C MET A 214 -14.68 -12.39 34.27
N TRP A 215 -14.30 -12.14 33.02
CA TRP A 215 -14.92 -11.13 32.19
C TRP A 215 -15.09 -11.68 30.77
N GLY A 216 -16.26 -11.41 30.18
CA GLY A 216 -16.56 -11.93 28.86
C GLY A 216 -17.06 -13.35 28.82
N ASN A 217 -17.50 -13.89 29.96
CA ASN A 217 -18.02 -15.25 30.07
C ASN A 217 -19.50 -15.36 29.71
N LYS A 218 -20.19 -14.24 29.52
CA LYS A 218 -21.61 -14.23 29.15
C LYS A 218 -21.83 -13.32 27.95
N PRO B 2 -9.94 39.19 -0.05
CA PRO B 2 -10.62 38.29 -1.00
C PRO B 2 -9.66 37.70 -2.03
N MET B 3 -10.03 36.57 -2.62
CA MET B 3 -9.20 35.98 -3.67
C MET B 3 -9.25 36.81 -4.94
N ILE B 4 -8.16 36.69 -5.72
CA ILE B 4 -8.01 37.36 -7.01
C ILE B 4 -7.79 36.27 -8.05
N LEU B 5 -8.69 36.20 -9.02
CA LEU B 5 -8.55 35.31 -10.16
C LEU B 5 -8.15 36.16 -11.37
N GLY B 6 -6.95 35.90 -11.90
CA GLY B 6 -6.47 36.64 -13.05
C GLY B 6 -6.58 35.80 -14.32
N TYR B 7 -7.20 36.38 -15.35
CA TYR B 7 -7.27 35.75 -16.66
C TYR B 7 -7.67 36.79 -17.69
N TRP B 8 -7.53 36.41 -18.96
CA TRP B 8 -8.04 37.18 -20.08
C TRP B 8 -9.55 37.35 -19.98
N ASP B 9 -10.06 38.39 -20.66
CA ASP B 9 -11.49 38.71 -20.71
C ASP B 9 -12.27 37.75 -21.60
N ILE B 10 -11.95 36.48 -21.52
CA ILE B 10 -12.69 35.43 -22.19
C ILE B 10 -13.06 34.38 -21.16
N ARG B 11 -13.72 33.34 -21.65
CA ARG B 11 -14.08 32.14 -20.91
C ARG B 11 -12.84 31.27 -20.68
N GLY B 12 -12.46 30.50 -21.71
CA GLY B 12 -11.14 29.88 -21.75
C GLY B 12 -10.89 28.92 -20.60
N LEU B 13 -9.69 29.03 -20.03
CA LEU B 13 -9.25 28.14 -18.94
C LEU B 13 -9.73 28.60 -17.57
N ALA B 14 -10.41 29.73 -17.47
CA ALA B 14 -10.88 30.24 -16.19
C ALA B 14 -12.30 29.82 -15.86
N HIS B 15 -13.01 29.20 -16.81
CA HIS B 15 -14.47 29.06 -16.65
C HIS B 15 -14.82 28.06 -15.56
N ALA B 16 -14.14 26.90 -15.57
CA ALA B 16 -14.35 25.94 -14.49
C ALA B 16 -13.95 26.53 -13.15
N ILE B 17 -12.91 27.38 -13.13
CA ILE B 17 -12.47 28.01 -11.89
C ILE B 17 -13.54 28.96 -11.36
N ARG B 18 -14.10 29.81 -12.24
CA ARG B 18 -15.16 30.73 -11.85
C ARG B 18 -16.40 29.98 -11.33
N LEU B 19 -16.78 28.90 -12.02
CA LEU B 19 -17.92 28.10 -11.59
C LEU B 19 -17.69 27.51 -10.20
N LEU B 20 -16.50 26.94 -9.98
CA LEU B 20 -16.13 26.43 -8.65
C LEU B 20 -16.07 27.55 -7.62
N LEU B 21 -15.57 28.72 -8.00
CA LEU B 21 -15.51 29.83 -7.06
C LEU B 21 -16.92 30.32 -6.71
N GLU B 22 -17.82 30.34 -7.69
CA GLU B 22 -19.20 30.74 -7.43
C GLU B 22 -19.92 29.67 -6.61
N TYR B 23 -19.79 28.39 -7.01
CA TYR B 23 -20.46 27.32 -6.27
C TYR B 23 -19.98 27.30 -4.82
N THR B 24 -18.66 27.40 -4.60
CA THR B 24 -18.26 27.38 -3.20
C THR B 24 -18.59 28.66 -2.46
N GLY B 25 -19.31 29.62 -3.04
CA GLY B 25 -19.63 30.86 -2.35
C GLY B 25 -18.37 31.58 -1.88
N SER B 26 -17.29 31.37 -2.62
CA SER B 26 -16.00 31.93 -2.27
C SER B 26 -16.03 33.45 -2.41
N ASP B 27 -15.19 34.12 -1.61
CA ASP B 27 -15.00 35.57 -1.72
C ASP B 27 -13.85 35.83 -2.67
N TYR B 28 -14.17 36.26 -3.88
CA TYR B 28 -13.15 36.48 -4.88
C TYR B 28 -13.55 37.67 -5.74
N GLU B 29 -12.54 38.33 -6.32
CA GLU B 29 -12.75 39.26 -7.41
C GLU B 29 -11.91 38.79 -8.59
N GLU B 30 -11.96 39.51 -9.70
CA GLU B 30 -11.27 39.12 -10.90
C GLU B 30 -10.34 40.23 -11.38
N LYS B 31 -9.08 39.88 -11.65
CA LYS B 31 -8.18 40.74 -12.43
C LYS B 31 -8.32 40.31 -13.88
N ILE B 32 -8.97 41.15 -14.67
CA ILE B 32 -9.30 40.86 -16.07
C ILE B 32 -8.28 41.58 -16.95
N TYR B 33 -7.54 40.81 -17.76
CA TYR B 33 -6.55 41.37 -18.69
C TYR B 33 -7.15 41.43 -20.09
N SER B 34 -6.92 42.55 -20.78
CA SER B 34 -7.44 42.76 -22.12
C SER B 34 -6.33 42.65 -23.16
N MET B 35 -6.68 42.07 -24.31
CA MET B 35 -5.76 41.82 -25.42
C MET B 35 -6.11 42.72 -26.60
N GLY B 36 -5.09 43.25 -27.27
CA GLY B 36 -5.31 44.09 -28.42
C GLY B 36 -5.97 43.35 -29.57
N ASP B 37 -6.42 44.11 -30.56
CA ASP B 37 -7.07 43.52 -31.72
C ASP B 37 -6.04 43.15 -32.77
N ALA B 38 -6.50 42.43 -33.80
CA ALA B 38 -5.66 42.14 -34.95
C ALA B 38 -5.11 43.44 -35.54
N PRO B 39 -3.94 43.40 -36.19
CA PRO B 39 -3.14 42.20 -36.43
C PRO B 39 -2.19 41.87 -35.29
N ASP B 40 -2.08 42.78 -34.32
CA ASP B 40 -1.01 42.69 -33.32
C ASP B 40 -1.39 41.87 -32.10
N TYR B 41 -2.66 41.89 -31.69
CA TYR B 41 -3.14 41.17 -30.51
C TYR B 41 -2.25 41.46 -29.29
N ASP B 42 -2.14 42.75 -28.96
CA ASP B 42 -1.18 43.21 -27.95
C ASP B 42 -1.46 42.60 -26.59
N ARG B 43 -0.42 42.06 -25.96
CA ARG B 43 -0.55 41.40 -24.67
C ARG B 43 0.03 42.20 -23.53
N SER B 44 0.49 43.44 -23.79
CA SER B 44 1.33 44.17 -22.84
C SER B 44 0.62 44.49 -21.53
N GLN B 45 -0.71 44.62 -21.56
CA GLN B 45 -1.49 44.71 -20.34
C GLN B 45 -1.03 43.67 -19.33
N TRP B 46 -0.91 42.42 -19.77
CA TRP B 46 -0.49 41.32 -18.91
C TRP B 46 1.02 41.19 -18.84
N LEU B 47 1.70 41.31 -19.98
CA LEU B 47 3.15 41.13 -20.04
C LEU B 47 3.91 42.08 -19.11
N SER B 48 3.33 43.22 -18.80
CA SER B 48 4.00 44.20 -17.95
C SER B 48 3.88 43.87 -16.49
N GLU B 49 2.94 43.01 -16.14
CA GLU B 49 2.59 42.66 -14.78
C GLU B 49 2.92 41.21 -14.47
N LYS B 50 3.00 40.37 -15.50
CA LYS B 50 3.33 38.96 -15.40
C LYS B 50 4.41 38.64 -14.36
N PHE B 51 5.51 39.40 -14.38
CA PHE B 51 6.66 39.13 -13.55
C PHE B 51 6.67 39.95 -12.26
N LYS B 52 5.53 40.56 -11.89
CA LYS B 52 5.44 41.39 -10.70
C LYS B 52 4.43 40.85 -9.68
N LEU B 53 4.04 39.59 -9.79
CA LEU B 53 2.98 39.04 -8.96
C LEU B 53 3.48 38.05 -7.93
N GLY B 54 4.80 37.80 -7.87
CA GLY B 54 5.34 36.77 -7.00
C GLY B 54 4.93 35.34 -7.35
N LEU B 55 4.65 35.06 -8.61
CA LEU B 55 4.29 33.71 -9.06
C LEU B 55 5.53 32.92 -9.40
N ASP B 56 5.54 31.63 -9.04
CA ASP B 56 6.71 30.79 -9.31
C ASP B 56 6.90 30.53 -10.79
N PHE B 57 5.81 30.24 -11.51
CA PHE B 57 5.87 30.07 -12.97
C PHE B 57 4.78 31.00 -13.48
N PRO B 58 5.10 32.28 -13.69
CA PRO B 58 4.06 33.24 -14.13
C PRO B 58 3.28 32.73 -15.34
N ASN B 59 1.95 32.79 -15.23
CA ASN B 59 1.06 32.27 -16.26
C ASN B 59 -0.35 32.82 -15.99
N LEU B 60 -1.27 32.53 -16.92
CA LEU B 60 -2.71 32.78 -16.80
C LEU B 60 -3.46 31.47 -17.06
N PRO B 61 -4.39 31.08 -16.20
CA PRO B 61 -4.88 31.85 -15.06
C PRO B 61 -3.97 31.79 -13.82
N TYR B 62 -4.14 32.77 -12.94
CA TYR B 62 -3.49 32.72 -11.63
C TYR B 62 -4.51 33.02 -10.56
N LEU B 63 -4.20 32.59 -9.34
CA LEU B 63 -5.07 32.83 -8.20
C LEU B 63 -4.24 33.30 -7.03
N ILE B 64 -4.68 34.35 -6.36
CA ILE B 64 -4.02 34.86 -5.17
C ILE B 64 -4.99 34.69 -4.01
N ASP B 65 -4.58 33.92 -2.99
CA ASP B 65 -5.37 33.72 -1.78
C ASP B 65 -4.44 33.93 -0.58
N GLY B 66 -4.39 35.17 -0.08
CA GLY B 66 -3.55 35.45 1.08
C GLY B 66 -2.09 35.25 0.74
N ALA B 67 -1.44 34.33 1.45
CA ALA B 67 -0.05 33.98 1.14
C ALA B 67 0.09 33.09 -0.07
N HIS B 68 -0.97 32.36 -0.45
CA HIS B 68 -0.88 31.40 -1.55
C HIS B 68 -1.01 32.10 -2.90
N ARG B 69 -0.08 31.84 -3.80
CA ARG B 69 -0.06 32.45 -5.14
C ARG B 69 0.17 31.32 -6.13
N LEU B 70 -0.84 30.99 -6.91
CA LEU B 70 -0.84 29.78 -7.74
C LEU B 70 -1.05 30.10 -9.21
N THR B 71 -0.33 29.38 -10.08
CA THR B 71 -0.71 29.24 -11.48
C THR B 71 -1.05 27.77 -11.76
N GLN B 72 -1.43 27.49 -13.02
CA GLN B 72 -1.87 26.19 -13.57
C GLN B 72 -3.32 25.91 -13.21
N SER B 73 -4.22 25.99 -14.21
CA SER B 73 -5.65 25.93 -13.92
C SER B 73 -6.01 24.72 -13.06
N ASN B 74 -5.42 23.55 -13.35
CA ASN B 74 -5.70 22.35 -12.57
C ASN B 74 -5.24 22.48 -11.11
N ALA B 75 -4.03 23.01 -10.88
CA ALA B 75 -3.59 23.27 -9.50
C ALA B 75 -4.52 24.24 -8.79
N ILE B 76 -5.01 25.26 -9.50
CA ILE B 76 -5.95 26.21 -8.89
C ILE B 76 -7.23 25.50 -8.49
N LEU B 77 -7.76 24.67 -9.39
CA LEU B 77 -8.98 23.93 -9.09
C LEU B 77 -8.79 23.04 -7.87
N ARG B 78 -7.70 22.27 -7.85
CA ARG B 78 -7.45 21.38 -6.71
C ARG B 78 -7.33 22.16 -5.41
N TYR B 79 -6.70 23.34 -5.47
CA TYR B 79 -6.56 24.17 -4.28
C TYR B 79 -7.91 24.52 -3.71
N ILE B 80 -8.84 24.95 -4.56
CA ILE B 80 -10.17 25.33 -4.07
C ILE B 80 -10.92 24.10 -3.54
N ALA B 81 -10.79 22.96 -4.25
CA ALA B 81 -11.47 21.74 -3.83
C ALA B 81 -11.04 21.32 -2.44
N ARG B 82 -9.74 21.45 -2.13
CA ARG B 82 -9.28 21.03 -0.81
C ARG B 82 -9.84 21.92 0.30
N LYS B 83 -10.13 23.18 -0.02
CA LYS B 83 -10.63 24.11 0.97
C LYS B 83 -12.11 23.90 1.28
N HIS B 84 -12.85 23.23 0.38
CA HIS B 84 -14.30 23.15 0.47
C HIS B 84 -14.81 21.72 0.27
N ASN B 85 -13.99 20.71 0.59
CA ASN B 85 -14.43 19.32 0.67
C ASN B 85 -14.97 18.83 -0.67
N LEU B 86 -14.21 19.08 -1.74
CA LEU B 86 -14.65 18.69 -3.07
C LEU B 86 -13.62 17.80 -3.73
N CSO B 87 -12.93 17.02 -2.91
CA CSO B 87 -12.00 16.01 -3.44
CB CSO B 87 -10.67 16.07 -2.70
SG CSO B 87 -9.92 17.70 -2.96
C CSO B 87 -12.58 14.59 -3.37
O CSO B 87 -13.68 14.36 -2.85
OD CSO B 87 -8.72 17.57 -4.29
N GLY B 88 -11.83 13.63 -3.92
CA GLY B 88 -12.21 12.23 -3.85
C GLY B 88 -11.92 11.68 -2.47
N GLU B 89 -12.82 10.83 -1.96
CA GLU B 89 -12.63 10.28 -0.62
C GLU B 89 -11.99 8.90 -0.66
N THR B 90 -12.51 8.00 -1.48
CA THR B 90 -11.96 6.66 -1.60
C THR B 90 -10.89 6.62 -2.69
N GLU B 91 -10.12 5.52 -2.70
CA GLU B 91 -9.11 5.38 -3.74
C GLU B 91 -9.77 5.30 -5.10
N GLU B 92 -11.00 4.79 -5.17
CA GLU B 92 -11.69 4.69 -6.44
C GLU B 92 -12.12 6.07 -6.94
N GLU B 93 -12.57 6.94 -6.03
CA GLU B 93 -12.91 8.29 -6.43
C GLU B 93 -11.66 9.09 -6.78
N LYS B 94 -10.55 8.83 -6.09
CA LYS B 94 -9.31 9.53 -6.40
C LYS B 94 -8.80 9.12 -7.77
N ILE B 95 -9.07 7.87 -8.17
CA ILE B 95 -8.62 7.41 -9.47
C ILE B 95 -9.45 8.04 -10.59
N ARG B 96 -10.78 8.06 -10.42
CA ARG B 96 -11.66 8.67 -11.42
C ARG B 96 -11.39 10.17 -11.53
N VAL B 97 -11.05 10.82 -10.42
CA VAL B 97 -10.73 12.25 -10.46
C VAL B 97 -9.46 12.47 -11.29
N ASP B 98 -8.39 11.72 -10.96
CA ASP B 98 -7.10 11.94 -11.62
C ASP B 98 -7.16 11.60 -13.11
N VAL B 99 -7.88 10.52 -13.45
CA VAL B 99 -7.99 10.12 -14.86
C VAL B 99 -8.81 11.13 -15.64
N LEU B 100 -9.96 11.54 -15.12
CA LEU B 100 -10.84 12.48 -15.81
C LEU B 100 -10.27 13.91 -15.84
N GLU B 101 -9.56 14.34 -14.80
CA GLU B 101 -8.92 15.69 -14.85
C GLU B 101 -7.93 15.78 -15.99
N ASN B 102 -7.02 14.81 -16.06
CA ASN B 102 -6.04 14.83 -17.16
C ASN B 102 -6.72 14.62 -18.50
N GLN B 103 -7.73 13.74 -18.55
CA GLN B 103 -8.43 13.47 -19.81
C GLN B 103 -9.18 14.71 -20.32
N ALA B 104 -9.79 15.49 -19.41
CA ALA B 104 -10.48 16.72 -19.80
C ALA B 104 -9.54 17.72 -20.43
N MET B 105 -8.32 17.86 -19.91
CA MET B 105 -7.38 18.79 -20.53
C MET B 105 -7.03 18.32 -21.93
N ASP B 106 -6.77 17.02 -22.11
CA ASP B 106 -6.42 16.53 -23.43
C ASP B 106 -7.57 16.75 -24.42
N THR B 107 -8.80 16.54 -23.97
CA THR B 107 -9.96 16.72 -24.83
C THR B 107 -10.19 18.19 -25.14
N ARG B 108 -9.99 19.05 -24.13
CA ARG B 108 -10.02 20.49 -24.37
C ARG B 108 -8.96 20.90 -25.39
N LEU B 109 -7.72 20.45 -25.21
CA LEU B 109 -6.65 20.82 -26.14
C LEU B 109 -6.86 20.26 -27.54
N ASP B 110 -7.50 19.07 -27.68
CA ASP B 110 -7.88 18.59 -29.00
C ASP B 110 -8.74 19.61 -29.73
N PHE B 111 -9.68 20.23 -29.00
CA PHE B 111 -10.57 21.17 -29.66
C PHE B 111 -9.88 22.51 -29.87
N ALA B 112 -9.17 23.00 -28.84
CA ALA B 112 -8.48 24.28 -28.94
C ALA B 112 -7.51 24.32 -30.11
N ARG B 113 -6.78 23.22 -30.34
CA ARG B 113 -5.78 23.22 -31.40
C ARG B 113 -6.43 23.37 -32.78
N VAL B 114 -7.64 22.85 -32.97
CA VAL B 114 -8.34 23.00 -34.25
C VAL B 114 -8.83 24.44 -34.43
N CYS B 115 -9.47 25.02 -33.39
CA CYS B 115 -10.01 26.38 -33.50
C CYS B 115 -8.92 27.43 -33.64
N TYR B 116 -7.79 27.26 -32.97
CA TYR B 116 -6.70 28.20 -33.12
C TYR B 116 -5.86 27.96 -34.38
N ASN B 117 -6.19 26.94 -35.18
CA ASN B 117 -5.40 26.62 -36.37
C ASN B 117 -5.81 27.52 -37.54
N PRO B 118 -4.86 28.22 -38.18
CA PRO B 118 -5.20 29.06 -39.35
C PRO B 118 -5.95 28.29 -40.43
N ASP B 119 -5.82 26.97 -40.44
CA ASP B 119 -6.51 26.13 -41.41
C ASP B 119 -7.82 25.57 -40.85
N PHE B 120 -8.41 26.30 -39.90
CA PHE B 120 -9.61 25.82 -39.20
C PHE B 120 -10.69 25.32 -40.15
N GLU B 121 -10.98 26.08 -41.23
CA GLU B 121 -12.13 25.76 -42.07
C GLU B 121 -11.95 24.42 -42.80
N LYS B 122 -10.70 24.03 -43.08
CA LYS B 122 -10.43 22.76 -43.73
C LYS B 122 -10.36 21.61 -42.75
N LEU B 123 -10.17 21.90 -41.47
CA LEU B 123 -10.09 20.90 -40.42
C LEU B 123 -11.44 20.66 -39.74
N LYS B 124 -12.34 21.64 -39.82
CA LYS B 124 -13.66 21.50 -39.19
C LYS B 124 -14.37 20.22 -39.56
N PRO B 125 -14.48 19.83 -40.85
CA PRO B 125 -15.23 18.59 -41.17
C PRO B 125 -14.61 17.35 -40.55
N GLY B 126 -13.30 17.19 -40.66
CA GLY B 126 -12.65 16.02 -40.07
C GLY B 126 -12.82 15.94 -38.57
N PHE B 127 -12.64 17.07 -37.88
CA PHE B 127 -12.77 17.11 -36.43
C PHE B 127 -14.19 16.79 -36.00
N LEU B 128 -15.18 17.26 -36.76
CA LEU B 128 -16.56 16.96 -36.41
C LEU B 128 -16.81 15.45 -36.46
N LYS B 129 -16.14 14.75 -37.41
CA LYS B 129 -16.29 13.31 -37.50
C LYS B 129 -15.79 12.61 -36.24
N GLU B 130 -14.84 13.23 -35.52
CA GLU B 130 -14.24 12.65 -34.33
C GLU B 130 -15.11 12.82 -33.08
N ILE B 131 -16.07 13.73 -33.11
CA ILE B 131 -16.76 14.14 -31.87
C ILE B 131 -17.64 13.00 -31.33
N PRO B 132 -18.42 12.28 -32.14
CA PRO B 132 -19.23 11.18 -31.56
C PRO B 132 -18.44 10.18 -30.72
N GLU B 133 -17.28 9.70 -31.21
CA GLU B 133 -16.44 8.82 -30.40
C GLU B 133 -16.02 9.48 -29.08
N LYS B 134 -15.56 10.74 -29.13
CA LYS B 134 -15.13 11.40 -27.90
C LYS B 134 -16.25 11.43 -26.88
N MET B 135 -17.45 11.89 -27.29
CA MET B 135 -18.58 11.98 -26.37
C MET B 135 -18.96 10.60 -25.81
N LYS B 136 -18.92 9.56 -26.65
CA LYS B 136 -19.21 8.22 -26.18
C LYS B 136 -18.31 7.82 -25.01
N LEU B 137 -17.01 8.14 -25.09
CA LEU B 137 -16.11 7.86 -23.98
C LEU B 137 -16.60 8.53 -22.69
N PHE B 138 -16.92 9.83 -22.76
CA PHE B 138 -17.41 10.52 -21.56
C PHE B 138 -18.74 9.94 -21.09
N SER B 139 -19.61 9.54 -22.02
CA SER B 139 -20.92 9.04 -21.63
C SER B 139 -20.81 7.65 -21.00
N GLU B 140 -19.98 6.77 -21.58
CA GLU B 140 -19.72 5.47 -20.97
C GLU B 140 -19.04 5.62 -19.62
N PHE B 141 -18.06 6.54 -19.52
CA PHE B 141 -17.33 6.77 -18.27
C PHE B 141 -18.29 7.21 -17.16
N LEU B 142 -19.21 8.11 -17.47
CA LEU B 142 -20.21 8.52 -16.47
C LEU B 142 -21.15 7.36 -16.16
N GLY B 143 -21.67 6.69 -17.19
CA GLY B 143 -22.61 5.59 -16.98
C GLY B 143 -23.85 6.04 -16.23
N LYS B 144 -24.13 5.33 -15.14
CA LYS B 144 -25.30 5.50 -14.28
C LYS B 144 -25.07 6.44 -13.10
N ARG B 145 -23.83 6.90 -12.90
CA ARG B 145 -23.51 7.68 -11.71
C ARG B 145 -24.19 9.03 -11.73
N THR B 146 -24.46 9.54 -10.53
CA THR B 146 -24.97 10.90 -10.39
C THR B 146 -23.93 11.92 -10.88
N TRP B 147 -22.70 11.82 -10.38
CA TRP B 147 -21.60 12.68 -10.78
C TRP B 147 -20.43 11.81 -11.24
N PHE B 148 -19.43 12.45 -11.86
CA PHE B 148 -18.42 11.69 -12.57
C PHE B 148 -17.54 10.86 -11.63
N ALA B 149 -17.41 11.26 -10.37
CA ALA B 149 -16.63 10.46 -9.44
C ALA B 149 -17.48 9.49 -8.63
N GLY B 150 -18.80 9.58 -8.74
CA GLY B 150 -19.69 8.73 -7.99
C GLY B 150 -20.89 9.47 -7.49
N ASP B 151 -21.19 9.33 -6.19
CA ASP B 151 -22.40 9.92 -5.62
C ASP B 151 -22.25 11.37 -5.21
N LYS B 152 -21.02 11.85 -4.98
CA LYS B 152 -20.80 13.20 -4.47
C LYS B 152 -20.12 14.09 -5.49
N LEU B 153 -20.68 15.28 -5.67
CA LEU B 153 -20.09 16.30 -6.54
C LEU B 153 -18.61 16.47 -6.24
N ASN B 154 -17.84 16.62 -7.31
CA ASN B 154 -16.40 16.76 -7.23
C ASN B 154 -15.95 17.90 -8.14
N TYR B 155 -14.77 18.47 -7.83
CA TYR B 155 -14.21 19.51 -8.70
C TYR B 155 -14.11 19.04 -10.15
N VAL B 156 -13.88 17.75 -10.38
CA VAL B 156 -13.77 17.29 -11.78
C VAL B 156 -15.08 17.42 -12.53
N ASP B 157 -16.22 17.43 -11.83
CA ASP B 157 -17.48 17.70 -12.50
C ASP B 157 -17.51 19.06 -13.16
N PHE B 158 -16.83 20.06 -12.56
CA PHE B 158 -16.78 21.38 -13.17
C PHE B 158 -15.99 21.37 -14.46
N LEU B 159 -14.84 20.69 -14.46
CA LEU B 159 -14.05 20.51 -15.67
C LEU B 159 -14.82 19.76 -16.75
N ALA B 160 -15.54 18.70 -16.37
CA ALA B 160 -16.30 17.94 -17.36
C ALA B 160 -17.45 18.77 -17.90
N TYR B 161 -18.16 19.48 -17.04
CA TYR B 161 -19.23 20.35 -17.52
C TYR B 161 -18.69 21.37 -18.51
N ASP B 162 -17.58 22.03 -18.17
CA ASP B 162 -17.00 23.03 -19.05
C ASP B 162 -16.62 22.44 -20.41
N VAL B 163 -15.90 21.32 -20.42
CA VAL B 163 -15.42 20.76 -21.68
C VAL B 163 -16.57 20.27 -22.56
N LEU B 164 -17.56 19.61 -21.96
CA LEU B 164 -18.76 19.21 -22.72
C LEU B 164 -19.58 20.41 -23.19
N ASP B 165 -19.62 21.50 -22.41
CA ASP B 165 -20.42 22.65 -22.83
C ASP B 165 -19.81 23.28 -24.08
N VAL B 166 -18.48 23.33 -24.14
CA VAL B 166 -17.77 23.91 -25.27
C VAL B 166 -18.01 23.10 -26.53
N TYR B 167 -17.97 21.78 -26.40
CA TYR B 167 -18.21 20.90 -27.54
C TYR B 167 -19.64 21.02 -28.05
N ARG B 168 -20.61 21.21 -27.15
CA ARG B 168 -21.98 21.33 -27.65
C ARG B 168 -22.28 22.72 -28.18
N ILE B 169 -21.50 23.72 -27.79
CA ILE B 169 -21.62 25.01 -28.46
C ILE B 169 -21.09 24.90 -29.88
N PHE B 170 -20.07 24.06 -30.10
CA PHE B 170 -19.54 23.85 -31.43
C PHE B 170 -20.45 22.98 -32.27
N GLU B 171 -20.92 21.86 -31.73
CA GLU B 171 -21.88 20.98 -32.39
C GLU B 171 -23.06 20.73 -31.47
N PRO B 172 -24.15 21.49 -31.60
CA PRO B 172 -25.28 21.34 -30.66
C PRO B 172 -25.93 19.96 -30.70
N LYS B 173 -25.76 19.22 -31.78
CA LYS B 173 -26.23 17.84 -31.80
C LYS B 173 -25.39 16.93 -30.91
N CYS B 174 -24.16 17.32 -30.60
CA CYS B 174 -23.18 16.33 -30.15
C CYS B 174 -23.62 15.55 -28.91
N LEU B 175 -24.51 16.08 -28.08
CA LEU B 175 -25.05 15.33 -26.95
C LEU B 175 -26.51 14.91 -27.13
N ASP B 176 -26.97 14.68 -28.37
CA ASP B 176 -28.38 14.30 -28.53
C ASP B 176 -28.61 12.84 -28.15
N GLU B 177 -27.75 11.94 -28.62
CA GLU B 177 -27.55 10.70 -27.90
C GLU B 177 -26.89 11.01 -26.55
N PHE B 178 -26.59 9.97 -25.78
CA PHE B 178 -26.01 10.14 -24.45
C PHE B 178 -26.93 10.96 -23.56
N PRO B 179 -28.17 10.50 -23.32
CA PRO B 179 -29.05 11.23 -22.40
C PRO B 179 -28.47 11.39 -21.01
N ASN B 180 -27.63 10.45 -20.57
CA ASN B 180 -27.00 10.58 -19.26
C ASN B 180 -26.14 11.84 -19.19
N LEU B 181 -25.57 12.25 -20.32
CA LEU B 181 -24.75 13.46 -20.35
C LEU B 181 -25.63 14.71 -20.37
N LYS B 182 -26.76 14.67 -21.08
CA LYS B 182 -27.69 15.79 -21.06
C LYS B 182 -28.28 16.01 -19.69
N ASP B 183 -28.40 14.96 -18.89
CA ASP B 183 -28.93 15.09 -17.54
C ASP B 183 -27.86 15.40 -16.51
N PHE B 184 -26.61 15.05 -16.79
CA PHE B 184 -25.51 15.61 -16.02
C PHE B 184 -25.39 17.11 -16.27
N MET B 185 -25.61 17.54 -17.51
CA MET B 185 -25.53 18.97 -17.84
C MET B 185 -26.67 19.75 -17.19
N SER B 186 -27.87 19.17 -17.14
CA SER B 186 -28.97 19.86 -16.50
C SER B 186 -28.83 19.82 -14.98
N ARG B 187 -28.34 18.71 -14.43
CA ARG B 187 -28.13 18.63 -12.99
C ARG B 187 -27.09 19.65 -12.52
N PHE B 188 -26.02 19.85 -13.28
CA PHE B 188 -25.00 20.82 -12.90
C PHE B 188 -25.55 22.23 -12.90
N GLU B 189 -26.20 22.62 -14.01
CA GLU B 189 -26.75 23.97 -14.11
C GLU B 189 -27.82 24.23 -13.06
N GLY B 190 -28.53 23.20 -12.63
CA GLY B 190 -29.57 23.31 -11.63
C GLY B 190 -29.08 23.42 -10.22
N LEU B 191 -27.79 23.16 -9.98
CA LEU B 191 -27.20 23.48 -8.69
C LEU B 191 -27.44 24.96 -8.39
N LYS B 192 -28.05 25.22 -7.23
CA LYS B 192 -28.68 26.53 -7.00
C LYS B 192 -27.70 27.68 -7.22
N LYS B 193 -26.47 27.57 -6.72
CA LYS B 193 -25.49 28.64 -6.86
C LYS B 193 -25.00 28.77 -8.29
N ILE B 194 -24.98 27.67 -9.04
CA ILE B 194 -24.66 27.78 -10.46
C ILE B 194 -25.77 28.51 -11.20
N SER B 195 -27.01 28.05 -11.04
CA SER B 195 -28.14 28.67 -11.72
C SER B 195 -28.21 30.18 -11.48
N ALA B 196 -27.96 30.62 -10.25
CA ALA B 196 -28.00 32.05 -9.95
C ALA B 196 -26.87 32.79 -10.66
N TYR B 197 -25.66 32.23 -10.59
CA TYR B 197 -24.52 32.86 -11.25
C TYR B 197 -24.69 32.90 -12.77
N MET B 198 -25.31 31.86 -13.35
CA MET B 198 -25.48 31.84 -14.80
C MET B 198 -26.50 32.86 -15.28
N LYS B 199 -27.36 33.34 -14.40
CA LYS B 199 -28.33 34.37 -14.74
C LYS B 199 -27.97 35.64 -13.97
N SER B 200 -26.80 36.20 -14.29
CA SER B 200 -26.23 37.24 -13.44
C SER B 200 -25.29 38.14 -14.22
N SER B 201 -24.97 39.27 -13.61
CA SER B 201 -24.08 40.29 -14.16
C SER B 201 -22.65 39.78 -14.38
N ARG B 202 -22.26 38.68 -13.75
CA ARG B 202 -20.88 38.23 -13.74
C ARG B 202 -20.62 37.03 -14.65
N PHE B 203 -21.65 36.45 -15.27
CA PHE B 203 -21.48 35.22 -16.05
C PHE B 203 -20.90 35.54 -17.43
N LEU B 204 -19.76 34.94 -17.75
CA LEU B 204 -19.07 35.11 -19.02
C LEU B 204 -19.33 33.87 -19.85
N ARG B 205 -20.40 33.89 -20.65
CA ARG B 205 -20.75 32.75 -21.50
C ARG B 205 -19.90 32.70 -22.76
N SER B 206 -19.39 33.84 -23.19
CA SER B 206 -18.59 33.97 -24.41
C SER B 206 -17.82 35.28 -24.32
N PRO B 207 -16.76 35.45 -25.12
CA PRO B 207 -16.13 34.55 -26.10
C PRO B 207 -15.52 33.30 -25.48
N LEU B 208 -15.58 32.18 -26.20
CA LEU B 208 -14.97 30.94 -25.70
C LEU B 208 -13.45 31.05 -25.68
N PHE B 209 -12.86 31.65 -26.72
CA PHE B 209 -11.42 31.72 -26.92
C PHE B 209 -10.99 33.16 -27.20
N LEU B 210 -9.68 33.35 -27.34
CA LEU B 210 -9.10 34.67 -27.56
C LEU B 210 -9.39 35.14 -28.99
N LYS B 211 -9.10 36.42 -29.24
CA LYS B 211 -9.56 37.07 -30.46
C LYS B 211 -8.88 36.51 -31.71
N MET B 212 -7.73 35.84 -31.58
CA MET B 212 -7.04 35.28 -32.73
C MET B 212 -7.54 33.89 -33.12
N ALA B 213 -8.47 33.32 -32.37
CA ALA B 213 -9.04 32.04 -32.77
C ALA B 213 -9.88 32.20 -34.04
N MET B 214 -10.02 31.09 -34.77
CA MET B 214 -10.82 31.09 -35.98
C MET B 214 -12.30 30.84 -35.69
N TRP B 215 -12.64 30.49 -34.45
CA TRP B 215 -14.01 30.25 -34.04
C TRP B 215 -14.13 30.49 -32.55
N GLY B 216 -15.28 31.04 -32.12
CA GLY B 216 -15.46 31.34 -30.71
C GLY B 216 -14.59 32.46 -30.20
N ASN B 217 -14.20 33.39 -31.08
CA ASN B 217 -13.39 34.53 -30.73
C ASN B 217 -14.21 35.79 -30.46
N LYS B 218 -15.52 35.74 -30.70
CA LYS B 218 -16.39 36.91 -30.62
C LYS B 218 -17.48 36.74 -29.54
N PRO C 2 26.15 -6.60 6.93
CA PRO C 2 25.66 -7.91 7.39
C PRO C 2 24.34 -7.79 8.16
N MET C 3 23.69 -8.93 8.40
CA MET C 3 22.46 -8.94 9.17
C MET C 3 22.74 -8.85 10.67
N ILE C 4 21.78 -8.28 11.41
CA ILE C 4 21.91 -8.14 12.86
C ILE C 4 20.81 -8.95 13.53
N LEU C 5 21.21 -9.92 14.35
CA LEU C 5 20.27 -10.66 15.19
C LEU C 5 20.39 -10.13 16.62
N GLY C 6 19.33 -9.47 17.09
CA GLY C 6 19.30 -8.95 18.45
C GLY C 6 18.54 -9.89 19.37
N TYR C 7 19.20 -10.26 20.47
CA TYR C 7 18.59 -11.08 21.51
C TYR C 7 19.46 -11.03 22.76
N TRP C 8 18.90 -11.55 23.85
CA TRP C 8 19.63 -11.67 25.11
C TRP C 8 20.76 -12.70 25.00
N ASP C 9 21.67 -12.62 25.97
CA ASP C 9 22.87 -13.45 26.03
C ASP C 9 22.54 -14.88 26.48
N ILE C 10 21.50 -15.47 25.90
CA ILE C 10 21.07 -16.82 26.23
C ILE C 10 20.65 -17.53 24.95
N ARG C 11 20.21 -18.77 25.11
CA ARG C 11 19.71 -19.55 24.00
C ARG C 11 18.29 -19.12 23.65
N GLY C 12 17.31 -19.51 24.48
CA GLY C 12 15.94 -19.05 24.37
C GLY C 12 15.39 -19.03 22.95
N LEU C 13 14.70 -17.92 22.61
CA LEU C 13 13.94 -17.77 21.38
C LEU C 13 14.80 -17.54 20.13
N ALA C 14 16.08 -17.29 20.27
CA ALA C 14 16.90 -17.02 19.09
C ALA C 14 17.61 -18.26 18.57
N HIS C 15 17.55 -19.37 19.29
CA HIS C 15 18.43 -20.50 18.99
C HIS C 15 18.11 -21.12 17.64
N ALA C 16 16.82 -21.33 17.34
CA ALA C 16 16.46 -21.89 16.05
C ALA C 16 16.83 -20.94 14.93
N ILE C 17 16.80 -19.65 15.22
CA ILE C 17 17.21 -18.61 14.26
C ILE C 17 18.71 -18.69 14.00
N ARG C 18 19.52 -18.71 15.06
CA ARG C 18 20.96 -18.87 14.87
C ARG C 18 21.26 -20.14 14.12
N LEU C 19 20.55 -21.23 14.47
CA LEU C 19 20.70 -22.49 13.75
C LEU C 19 20.39 -22.32 12.27
N LEU C 20 19.29 -21.66 11.95
CA LEU C 20 18.96 -21.41 10.55
C LEU C 20 19.99 -20.51 9.90
N LEU C 21 20.42 -19.45 10.60
CA LEU C 21 21.36 -18.49 10.01
C LEU C 21 22.70 -19.13 9.67
N GLU C 22 23.07 -20.19 10.40
CA GLU C 22 24.31 -20.91 10.10
C GLU C 22 24.11 -21.93 8.99
N TYR C 23 22.98 -22.63 8.97
CA TYR C 23 22.78 -23.60 7.89
C TYR C 23 22.73 -22.91 6.53
N THR C 24 22.10 -21.74 6.49
CA THR C 24 21.83 -21.01 5.26
C THR C 24 23.04 -20.26 4.73
N GLY C 25 24.13 -20.19 5.47
CA GLY C 25 25.29 -19.45 5.02
C GLY C 25 25.13 -17.96 5.08
N SER C 26 24.09 -17.47 5.77
CA SER C 26 23.90 -16.03 5.92
C SER C 26 25.12 -15.38 6.54
N ASP C 27 25.49 -14.21 6.01
CA ASP C 27 26.40 -13.33 6.72
C ASP C 27 25.59 -12.51 7.71
N TYR C 28 26.01 -12.53 8.98
CA TYR C 28 25.24 -11.92 10.05
C TYR C 28 26.13 -11.73 11.27
N GLU C 29 25.71 -10.85 12.15
CA GLU C 29 26.33 -10.63 13.44
C GLU C 29 25.23 -10.51 14.48
N GLU C 30 25.62 -10.67 15.74
CA GLU C 30 24.70 -10.64 16.87
C GLU C 30 24.86 -9.35 17.64
N LYS C 31 23.74 -8.66 17.89
CA LYS C 31 23.66 -7.64 18.92
C LYS C 31 23.20 -8.32 20.19
N ILE C 32 24.13 -8.66 21.07
CA ILE C 32 23.84 -9.35 22.31
C ILE C 32 23.45 -8.33 23.38
N TYR C 33 22.28 -8.53 23.98
CA TYR C 33 21.86 -7.77 25.15
C TYR C 33 22.12 -8.65 26.38
N SER C 34 22.91 -8.13 27.31
CA SER C 34 23.13 -8.84 28.57
C SER C 34 22.13 -8.35 29.61
N MET C 35 21.75 -9.25 30.51
CA MET C 35 20.81 -8.98 31.58
C MET C 35 21.55 -8.83 32.89
N GLY C 36 21.17 -7.84 33.68
CA GLY C 36 21.78 -7.66 34.98
C GLY C 36 21.41 -8.79 35.93
N ASP C 37 22.32 -9.08 36.86
CA ASP C 37 22.10 -10.14 37.83
C ASP C 37 20.89 -9.82 38.71
N ALA C 38 20.37 -10.88 39.34
CA ALA C 38 19.38 -10.78 40.41
C ALA C 38 19.91 -9.80 41.47
N PRO C 39 19.01 -9.13 42.22
CA PRO C 39 17.56 -9.29 42.24
C PRO C 39 16.80 -8.45 41.21
N ASP C 40 17.38 -7.35 40.71
CA ASP C 40 16.64 -6.42 39.88
C ASP C 40 16.60 -6.79 38.41
N TYR C 41 17.48 -7.67 37.95
CA TYR C 41 17.50 -8.17 36.57
C TYR C 41 17.45 -7.01 35.57
N ASP C 42 18.45 -6.13 35.68
CA ASP C 42 18.51 -4.90 34.89
C ASP C 42 18.40 -5.15 33.38
N ARG C 43 17.29 -4.71 32.79
CA ARG C 43 17.07 -4.78 31.35
C ARG C 43 17.42 -3.49 30.63
N SER C 44 18.07 -2.53 31.32
CA SER C 44 18.22 -1.19 30.76
C SER C 44 19.10 -1.18 29.51
N GLN C 45 19.99 -2.16 29.34
CA GLN C 45 20.77 -2.22 28.11
C GLN C 45 19.86 -2.39 26.90
N TRP C 46 18.79 -3.17 27.04
CA TRP C 46 17.83 -3.35 25.95
C TRP C 46 16.78 -2.23 25.96
N LEU C 47 16.20 -1.95 27.13
CA LEU C 47 15.14 -0.95 27.21
C LEU C 47 15.61 0.43 26.72
N SER C 48 16.91 0.70 26.81
CA SER C 48 17.37 2.02 26.42
C SER C 48 17.35 2.25 24.93
N GLU C 49 17.40 1.18 24.11
CA GLU C 49 17.33 1.34 22.66
C GLU C 49 16.15 0.57 22.05
N LYS C 50 15.31 -0.05 22.88
CA LYS C 50 14.14 -0.76 22.38
C LYS C 50 13.34 0.07 21.37
N PHE C 51 13.11 1.35 21.65
CA PHE C 51 12.28 2.16 20.76
C PHE C 51 13.12 3.00 19.79
N LYS C 52 14.38 2.61 19.57
CA LYS C 52 15.33 3.40 18.78
C LYS C 52 15.84 2.63 17.58
N LEU C 53 15.14 1.56 17.20
CA LEU C 53 15.62 0.67 16.16
C LEU C 53 14.72 0.65 14.93
N GLY C 54 13.68 1.49 14.90
CA GLY C 54 12.74 1.45 13.80
C GLY C 54 11.98 0.15 13.67
N LEU C 55 11.70 -0.51 14.80
CA LEU C 55 10.87 -1.72 14.81
C LEU C 55 9.40 -1.35 14.97
N ASP C 56 8.55 -1.99 14.16
CA ASP C 56 7.10 -1.73 14.23
C ASP C 56 6.54 -2.12 15.60
N PHE C 57 6.91 -3.30 16.11
CA PHE C 57 6.45 -3.78 17.42
C PHE C 57 7.69 -4.19 18.20
N PRO C 58 8.34 -3.23 18.88
CA PRO C 58 9.66 -3.50 19.48
C PRO C 58 9.65 -4.69 20.42
N ASN C 59 10.55 -5.63 20.17
CA ASN C 59 10.57 -6.92 20.84
C ASN C 59 11.95 -7.52 20.61
N LEU C 60 12.22 -8.62 21.34
CA LEU C 60 13.36 -9.52 21.16
C LEU C 60 12.84 -10.95 21.01
N PRO C 61 13.34 -11.71 20.02
CA PRO C 61 14.42 -11.27 19.13
C PRO C 61 13.98 -10.29 18.04
N TYR C 62 14.94 -9.57 17.46
CA TYR C 62 14.70 -8.83 16.24
C TYR C 62 15.76 -9.19 15.20
N LEU C 63 15.45 -8.84 13.95
CA LEU C 63 16.39 -9.03 12.85
C LEU C 63 16.33 -7.84 11.91
N ILE C 64 17.50 -7.37 11.50
CA ILE C 64 17.63 -6.29 10.54
C ILE C 64 18.37 -6.83 9.32
N ASP C 65 17.79 -6.63 8.13
CA ASP C 65 18.41 -7.10 6.90
C ASP C 65 18.17 -6.04 5.83
N GLY C 66 19.17 -5.18 5.62
CA GLY C 66 18.98 -4.07 4.70
C GLY C 66 17.80 -3.21 5.14
N ALA C 67 16.83 -3.02 4.24
CA ALA C 67 15.63 -2.25 4.53
C ALA C 67 14.63 -2.96 5.43
N HIS C 68 14.84 -4.23 5.77
CA HIS C 68 13.84 -5.00 6.51
C HIS C 68 14.19 -5.07 7.98
N ARG C 69 13.23 -4.70 8.84
CA ARG C 69 13.40 -4.72 10.29
C ARG C 69 12.26 -5.50 10.92
N LEU C 70 12.57 -6.67 11.48
CA LEU C 70 11.56 -7.66 11.86
C LEU C 70 11.66 -8.00 13.33
N THR C 71 10.51 -8.14 13.97
CA THR C 71 10.42 -8.85 15.24
C THR C 71 9.50 -10.06 15.04
N GLN C 72 9.29 -10.78 16.15
CA GLN C 72 8.52 -12.03 16.25
C GLN C 72 9.35 -13.18 15.69
N SER C 73 9.79 -14.09 16.57
CA SER C 73 10.78 -15.09 16.16
C SER C 73 10.30 -15.90 14.97
N ASN C 74 9.00 -16.24 14.94
CA ASN C 74 8.49 -17.02 13.82
C ASN C 74 8.54 -16.23 12.52
N ALA C 75 8.25 -14.94 12.58
CA ALA C 75 8.32 -14.08 11.39
C ALA C 75 9.74 -13.99 10.85
N ILE C 76 10.73 -13.93 11.74
CA ILE C 76 12.14 -13.93 11.32
C ILE C 76 12.51 -15.25 10.65
N LEU C 77 12.19 -16.38 11.29
CA LEU C 77 12.41 -17.69 10.68
C LEU C 77 11.81 -17.75 9.29
N ARG C 78 10.54 -17.33 9.15
CA ARG C 78 9.91 -17.35 7.83
C ARG C 78 10.65 -16.45 6.84
N TYR C 79 11.13 -15.29 7.31
CA TYR C 79 11.88 -14.41 6.40
C TYR C 79 13.13 -15.08 5.88
N ILE C 80 13.95 -15.64 6.79
CA ILE C 80 15.16 -16.34 6.37
C ILE C 80 14.83 -17.51 5.43
N ALA C 81 13.72 -18.22 5.72
CA ALA C 81 13.31 -19.37 4.91
C ALA C 81 12.95 -18.98 3.48
N ARG C 82 12.20 -17.88 3.29
CA ARG C 82 11.85 -17.44 1.94
C ARG C 82 13.08 -17.01 1.14
N LYS C 83 14.06 -16.36 1.79
CA LYS C 83 15.23 -15.90 1.06
C LYS C 83 16.09 -17.07 0.58
N HIS C 84 15.97 -18.22 1.23
CA HIS C 84 16.89 -19.34 1.04
C HIS C 84 16.18 -20.66 0.80
N ASN C 85 14.99 -20.64 0.19
CA ASN C 85 14.39 -21.84 -0.42
C ASN C 85 14.01 -22.91 0.61
N LEU C 86 13.66 -22.49 1.81
CA LEU C 86 13.40 -23.48 2.84
C LEU C 86 11.96 -23.46 3.34
N CSO C 87 11.04 -23.07 2.46
CA CSO C 87 9.62 -23.30 2.68
CB CSO C 87 8.75 -22.17 2.11
SG CSO C 87 9.31 -20.59 2.73
C CSO C 87 9.15 -24.61 2.07
O CSO C 87 9.88 -25.25 1.31
OD CSO C 87 8.18 -20.05 4.02
N GLY C 88 7.93 -24.99 2.41
CA GLY C 88 7.26 -26.09 1.73
C GLY C 88 6.76 -25.64 0.39
N GLU C 89 6.77 -26.55 -0.59
CA GLU C 89 6.35 -26.26 -1.94
C GLU C 89 4.91 -26.69 -2.20
N THR C 90 4.60 -27.96 -1.92
CA THR C 90 3.25 -28.45 -2.09
C THR C 90 2.34 -27.86 -1.02
N GLU C 91 1.03 -28.08 -1.20
CA GLU C 91 0.09 -27.72 -0.14
C GLU C 91 0.25 -28.63 1.06
N GLU C 92 0.59 -29.89 0.83
CA GLU C 92 0.75 -30.83 1.92
C GLU C 92 1.86 -30.40 2.88
N GLU C 93 2.99 -29.95 2.32
CA GLU C 93 4.09 -29.50 3.18
C GLU C 93 3.71 -28.21 3.88
N LYS C 94 3.01 -27.31 3.19
CA LYS C 94 2.66 -26.03 3.76
C LYS C 94 1.76 -26.21 4.98
N ILE C 95 0.79 -27.14 4.90
CA ILE C 95 -0.07 -27.40 6.03
C ILE C 95 0.73 -27.96 7.20
N ARG C 96 1.64 -28.89 6.90
CA ARG C 96 2.46 -29.48 7.96
C ARG C 96 3.36 -28.42 8.59
N VAL C 97 3.93 -27.53 7.79
CA VAL C 97 4.75 -26.43 8.31
C VAL C 97 3.94 -25.58 9.29
N ASP C 98 2.78 -25.09 8.85
CA ASP C 98 2.01 -24.17 9.66
C ASP C 98 1.59 -24.82 10.97
N VAL C 99 1.10 -26.06 10.91
CA VAL C 99 0.63 -26.72 12.12
C VAL C 99 1.79 -26.97 13.08
N LEU C 100 2.96 -27.37 12.56
CA LEU C 100 4.08 -27.66 13.46
C LEU C 100 4.71 -26.36 13.98
N GLU C 101 4.80 -25.33 13.14
CA GLU C 101 5.33 -24.05 13.62
C GLU C 101 4.54 -23.54 14.82
N ASN C 102 3.21 -23.45 14.68
CA ASN C 102 2.39 -22.99 15.79
C ASN C 102 2.43 -23.97 16.97
N GLN C 103 2.50 -25.28 16.68
CA GLN C 103 2.52 -26.27 17.76
C GLN C 103 3.83 -26.23 18.54
N ALA C 104 4.96 -26.05 17.86
CA ALA C 104 6.24 -25.92 18.56
C ALA C 104 6.19 -24.79 19.58
N MET C 105 5.58 -23.66 19.23
CA MET C 105 5.55 -22.54 20.16
C MET C 105 4.67 -22.84 21.38
N ASP C 106 3.50 -23.49 21.16
CA ASP C 106 2.68 -23.89 22.30
C ASP C 106 3.41 -24.88 23.19
N THR C 107 4.15 -25.81 22.58
CA THR C 107 4.93 -26.76 23.36
C THR C 107 6.09 -26.07 24.08
N ARG C 108 6.76 -25.14 23.43
CA ARG C 108 7.82 -24.40 24.12
C ARG C 108 7.27 -23.65 25.33
N LEU C 109 6.10 -23.01 25.18
CA LEU C 109 5.57 -22.19 26.29
C LEU C 109 5.04 -23.05 27.42
N ASP C 110 4.52 -24.25 27.11
CA ASP C 110 4.18 -25.21 28.15
C ASP C 110 5.36 -25.42 29.10
N PHE C 111 6.55 -25.61 28.51
CA PHE C 111 7.74 -25.89 29.30
C PHE C 111 8.31 -24.62 29.94
N ALA C 112 8.40 -23.54 29.18
CA ALA C 112 8.88 -22.28 29.76
C ALA C 112 8.04 -21.87 30.97
N ARG C 113 6.72 -22.05 30.89
CA ARG C 113 5.83 -21.61 31.97
C ARG C 113 6.12 -22.32 33.29
N VAL C 114 6.63 -23.54 33.26
CA VAL C 114 6.95 -24.22 34.52
C VAL C 114 8.34 -23.85 35.03
N CYS C 115 9.35 -23.74 34.16
CA CYS C 115 10.70 -23.41 34.61
C CYS C 115 10.79 -21.97 35.11
N TYR C 116 10.07 -21.05 34.46
CA TYR C 116 10.01 -19.68 34.94
C TYR C 116 9.09 -19.50 36.13
N ASN C 117 8.42 -20.56 36.58
CA ASN C 117 7.50 -20.39 37.69
C ASN C 117 8.24 -20.44 39.02
N PRO C 118 8.03 -19.46 39.90
CA PRO C 118 8.61 -19.55 41.25
C PRO C 118 8.34 -20.88 41.92
N ASP C 119 7.27 -21.57 41.52
CA ASP C 119 6.89 -22.83 42.15
C ASP C 119 7.38 -24.04 41.37
N PHE C 120 8.45 -23.87 40.59
CA PHE C 120 8.92 -24.90 39.67
C PHE C 120 9.11 -26.25 40.36
N GLU C 121 9.63 -26.25 41.59
CA GLU C 121 9.96 -27.51 42.25
C GLU C 121 8.70 -28.31 42.59
N LYS C 122 7.63 -27.62 42.99
CA LYS C 122 6.37 -28.30 43.29
C LYS C 122 5.62 -28.71 42.03
N LEU C 123 5.86 -28.04 40.90
CA LEU C 123 5.21 -28.37 39.64
C LEU C 123 6.01 -29.32 38.77
N LYS C 124 7.23 -29.66 39.17
CA LYS C 124 8.15 -30.43 38.35
C LYS C 124 7.71 -31.89 38.19
N PRO C 125 7.28 -32.58 39.26
CA PRO C 125 6.81 -33.97 39.05
C PRO C 125 5.60 -34.07 38.13
N GLY C 126 4.67 -33.12 38.21
CA GLY C 126 3.50 -33.17 37.35
C GLY C 126 3.83 -32.95 35.89
N PHE C 127 4.75 -32.03 35.61
CA PHE C 127 5.15 -31.79 34.22
C PHE C 127 5.98 -32.94 33.65
N LEU C 128 6.77 -33.62 34.49
CA LEU C 128 7.58 -34.73 34.01
C LEU C 128 6.72 -35.88 33.51
N LYS C 129 5.54 -36.07 34.10
CA LYS C 129 4.61 -37.11 33.64
C LYS C 129 3.78 -36.66 32.44
N GLU C 130 3.83 -35.39 32.06
CA GLU C 130 3.16 -34.97 30.83
C GLU C 130 4.00 -35.22 29.59
N ILE C 131 5.30 -35.46 29.75
CA ILE C 131 6.22 -35.39 28.63
C ILE C 131 6.06 -36.57 27.67
N PRO C 132 5.91 -37.81 28.15
CA PRO C 132 5.70 -38.93 27.20
C PRO C 132 4.64 -38.66 26.14
N GLU C 133 3.49 -38.10 26.48
CA GLU C 133 2.45 -37.93 25.45
C GLU C 133 2.77 -36.77 24.52
N LYS C 134 3.45 -35.72 25.03
CA LYS C 134 3.91 -34.66 24.17
C LYS C 134 4.84 -35.21 23.12
N MET C 135 5.88 -35.92 23.54
CA MET C 135 6.83 -36.48 22.58
C MET C 135 6.16 -37.47 21.63
N LYS C 136 5.17 -38.21 22.10
CA LYS C 136 4.54 -39.20 21.25
C LYS C 136 3.79 -38.51 20.11
N LEU C 137 3.13 -37.39 20.39
CA LEU C 137 2.54 -36.57 19.32
C LEU C 137 3.57 -36.23 18.26
N PHE C 138 4.75 -35.77 18.67
CA PHE C 138 5.81 -35.41 17.73
C PHE C 138 6.36 -36.63 16.99
N SER C 139 6.41 -37.78 17.64
CA SER C 139 6.91 -38.97 16.97
C SER C 139 5.90 -39.52 15.97
N GLU C 140 4.60 -39.44 16.30
CA GLU C 140 3.59 -39.91 15.34
C GLU C 140 3.43 -38.93 14.19
N PHE C 141 3.54 -37.63 14.46
CA PHE C 141 3.53 -36.66 13.37
C PHE C 141 4.67 -36.91 12.38
N LEU C 142 5.89 -37.10 12.89
CA LEU C 142 7.01 -37.29 11.98
C LEU C 142 6.88 -38.58 11.19
N GLY C 143 6.51 -39.67 11.86
CA GLY C 143 6.33 -40.93 11.16
C GLY C 143 7.62 -41.36 10.46
N LYS C 144 7.48 -41.88 9.25
CA LYS C 144 8.60 -42.35 8.47
C LYS C 144 9.16 -41.30 7.53
N ARG C 145 8.90 -40.02 7.77
CA ARG C 145 9.38 -38.99 6.86
C ARG C 145 10.85 -38.69 7.14
N THR C 146 11.51 -38.15 6.13
CA THR C 146 12.90 -37.70 6.31
C THR C 146 12.96 -36.48 7.21
N TRP C 147 12.19 -35.45 6.88
CA TRP C 147 12.06 -34.25 7.69
C TRP C 147 10.57 -34.02 7.98
N PHE C 148 10.30 -33.08 8.91
CA PHE C 148 8.93 -32.99 9.45
C PHE C 148 7.92 -32.59 8.38
N ALA C 149 8.34 -31.85 7.36
CA ALA C 149 7.41 -31.43 6.32
C ALA C 149 7.31 -32.46 5.20
N GLY C 150 8.24 -33.40 5.13
CA GLY C 150 8.28 -34.38 4.06
C GLY C 150 9.71 -34.74 3.70
N ASP C 151 10.01 -34.77 2.39
CA ASP C 151 11.31 -35.22 1.93
C ASP C 151 12.42 -34.23 2.24
N LYS C 152 12.13 -32.93 2.27
CA LYS C 152 13.15 -31.90 2.25
C LYS C 152 13.22 -31.11 3.54
N LEU C 153 14.44 -30.65 3.83
CA LEU C 153 14.69 -29.77 4.97
C LEU C 153 13.85 -28.49 4.85
N ASN C 154 13.21 -28.13 5.97
CA ASN C 154 12.35 -26.96 6.06
C ASN C 154 12.71 -26.21 7.35
N TYR C 155 12.27 -24.94 7.44
CA TYR C 155 12.59 -24.14 8.63
C TYR C 155 11.92 -24.68 9.89
N VAL C 156 10.81 -25.41 9.75
CA VAL C 156 10.17 -25.95 10.95
C VAL C 156 10.98 -27.06 11.59
N ASP C 157 11.86 -27.70 10.82
CA ASP C 157 12.75 -28.71 11.39
C ASP C 157 13.69 -28.11 12.42
N PHE C 158 14.06 -26.85 12.23
CA PHE C 158 14.92 -26.15 13.18
C PHE C 158 14.14 -25.87 14.47
N LEU C 159 12.91 -25.41 14.32
CA LEU C 159 11.99 -25.28 15.45
C LEU C 159 11.82 -26.61 16.16
N ALA C 160 11.61 -27.69 15.39
CA ALA C 160 11.36 -28.98 16.02
C ALA C 160 12.59 -29.47 16.78
N TYR C 161 13.77 -29.36 16.16
CA TYR C 161 14.99 -29.78 16.84
C TYR C 161 15.18 -28.98 18.12
N ASP C 162 14.95 -27.67 18.06
CA ASP C 162 15.14 -26.79 19.20
C ASP C 162 14.26 -27.20 20.39
N VAL C 163 12.96 -27.37 20.15
CA VAL C 163 12.05 -27.66 21.25
C VAL C 163 12.27 -29.08 21.77
N LEU C 164 12.59 -30.02 20.88
CA LEU C 164 12.92 -31.36 21.34
C LEU C 164 14.23 -31.35 22.13
N ASP C 165 15.23 -30.60 21.67
CA ASP C 165 16.49 -30.50 22.40
C ASP C 165 16.26 -30.01 23.83
N VAL C 166 15.45 -28.96 23.98
CA VAL C 166 15.14 -28.38 25.28
C VAL C 166 14.49 -29.41 26.20
N TYR C 167 13.53 -30.19 25.68
CA TYR C 167 12.85 -31.19 26.51
C TYR C 167 13.80 -32.32 26.92
N ARG C 168 14.68 -32.74 26.00
CA ARG C 168 15.61 -33.83 26.31
C ARG C 168 16.76 -33.39 27.19
N ILE C 169 17.03 -32.08 27.29
CA ILE C 169 17.95 -31.59 28.31
C ILE C 169 17.29 -31.65 29.68
N PHE C 170 16.02 -31.22 29.77
CA PHE C 170 15.29 -31.28 31.03
C PHE C 170 15.02 -32.72 31.46
N GLU C 171 14.81 -33.62 30.49
CA GLU C 171 14.52 -35.02 30.79
C GLU C 171 15.29 -35.87 29.80
N PRO C 172 16.52 -36.28 30.16
CA PRO C 172 17.41 -36.95 29.18
C PRO C 172 16.86 -38.21 28.58
N LYS C 173 15.86 -38.84 29.21
CA LYS C 173 15.31 -40.09 28.73
C LYS C 173 14.03 -39.91 27.92
N CYS C 174 13.70 -38.67 27.53
CA CYS C 174 12.34 -38.45 27.04
C CYS C 174 12.13 -38.96 25.63
N LEU C 175 13.17 -39.10 24.81
CA LEU C 175 13.03 -39.64 23.45
C LEU C 175 13.36 -41.13 23.36
N ASP C 176 13.49 -41.83 24.49
CA ASP C 176 14.07 -43.18 24.44
C ASP C 176 13.11 -44.19 23.80
N GLU C 177 11.81 -44.00 23.95
CA GLU C 177 10.82 -44.87 23.32
C GLU C 177 10.31 -44.32 21.99
N PHE C 178 11.05 -43.39 21.39
CA PHE C 178 10.72 -42.86 20.07
C PHE C 178 12.01 -42.86 19.26
N PRO C 179 12.40 -44.02 18.73
CA PRO C 179 13.65 -44.08 17.94
C PRO C 179 13.62 -43.18 16.72
N ASN C 180 12.45 -42.91 16.14
CA ASN C 180 12.42 -42.09 14.94
C ASN C 180 12.79 -40.65 15.24
N LEU C 181 12.52 -40.16 16.46
CA LEU C 181 12.91 -38.81 16.85
C LEU C 181 14.39 -38.76 17.22
N LYS C 182 14.93 -39.85 17.79
CA LYS C 182 16.37 -39.92 18.03
C LYS C 182 17.14 -39.85 16.71
N ASP C 183 16.66 -40.57 15.69
CA ASP C 183 17.28 -40.50 14.38
C ASP C 183 17.11 -39.13 13.75
N PHE C 184 16.00 -38.43 14.07
CA PHE C 184 15.82 -37.06 13.57
C PHE C 184 16.88 -36.13 14.15
N MET C 185 17.04 -36.14 15.49
CA MET C 185 18.02 -35.26 16.13
C MET C 185 19.43 -35.51 15.61
N SER C 186 19.82 -36.77 15.50
CA SER C 186 21.15 -37.10 14.95
C SER C 186 21.30 -36.56 13.54
N ARG C 187 20.38 -36.94 12.65
CA ARG C 187 20.41 -36.48 11.26
C ARG C 187 20.50 -34.96 11.17
N PHE C 188 19.84 -34.24 12.08
CA PHE C 188 19.92 -32.79 12.08
C PHE C 188 21.28 -32.30 12.56
N GLU C 189 21.75 -32.82 13.70
CA GLU C 189 23.02 -32.39 14.27
C GLU C 189 24.20 -32.68 13.35
N GLY C 190 24.02 -33.57 12.38
CA GLY C 190 25.12 -33.89 11.49
C GLY C 190 24.85 -33.48 10.06
N LEU C 191 24.14 -32.37 9.85
CA LEU C 191 23.89 -31.88 8.50
C LEU C 191 25.24 -31.63 7.84
N LYS C 192 25.85 -30.47 8.12
CA LYS C 192 27.30 -30.27 8.04
C LYS C 192 27.67 -28.86 8.45
N LYS C 193 26.98 -27.86 7.88
CA LYS C 193 27.06 -26.51 8.45
C LYS C 193 26.59 -26.50 9.90
N ILE C 194 25.68 -27.42 10.26
CA ILE C 194 25.18 -27.52 11.63
C ILE C 194 26.21 -28.20 12.53
N SER C 195 26.79 -29.31 12.07
CA SER C 195 27.87 -29.92 12.83
C SER C 195 29.03 -28.95 13.04
N ALA C 196 29.36 -28.17 12.00
CA ALA C 196 30.45 -27.22 12.10
C ALA C 196 30.13 -26.12 13.11
N TYR C 197 28.93 -25.53 13.02
CA TYR C 197 28.50 -24.54 13.99
C TYR C 197 28.54 -25.11 15.41
N MET C 198 27.94 -26.30 15.60
CA MET C 198 27.83 -26.88 16.92
C MET C 198 29.20 -27.12 17.55
N LYS C 199 30.10 -27.82 16.84
CA LYS C 199 31.44 -28.06 17.34
C LYS C 199 32.34 -26.86 17.09
N SER C 200 31.76 -25.67 17.20
CA SER C 200 32.51 -24.43 17.13
C SER C 200 32.21 -23.60 18.36
N SER C 201 33.07 -22.59 18.55
CA SER C 201 33.11 -21.76 19.75
C SER C 201 31.93 -20.82 19.88
N ARG C 202 31.39 -20.36 18.77
CA ARG C 202 30.22 -19.47 18.83
C ARG C 202 28.91 -20.24 18.93
N PHE C 203 28.95 -21.54 19.21
CA PHE C 203 27.73 -22.30 19.47
C PHE C 203 27.32 -22.06 20.91
N LEU C 204 26.15 -21.44 21.11
CA LEU C 204 25.70 -21.08 22.46
C LEU C 204 24.95 -22.25 23.06
N ARG C 205 25.69 -23.06 23.83
CA ARG C 205 25.11 -24.19 24.55
C ARG C 205 24.00 -23.75 25.49
N SER C 206 24.27 -22.71 26.27
CA SER C 206 23.60 -22.36 27.50
C SER C 206 23.86 -20.89 27.77
N PRO C 207 23.07 -20.26 28.68
CA PRO C 207 21.88 -20.75 29.38
C PRO C 207 20.72 -21.02 28.43
N LEU C 208 19.86 -21.97 28.78
CA LEU C 208 18.65 -22.14 27.96
C LEU C 208 17.71 -20.96 28.16
N PHE C 209 17.58 -20.48 29.40
CA PHE C 209 16.62 -19.42 29.73
C PHE C 209 17.32 -18.28 30.44
N LEU C 210 16.53 -17.25 30.75
CA LEU C 210 16.99 -16.04 31.41
C LEU C 210 17.39 -16.34 32.87
N LYS C 211 17.87 -15.29 33.55
CA LYS C 211 18.42 -15.47 34.90
C LYS C 211 17.35 -15.79 35.92
N MET C 212 16.18 -15.15 35.83
CA MET C 212 15.14 -15.37 36.83
C MET C 212 14.47 -16.73 36.70
N ALA C 213 14.74 -17.48 35.64
CA ALA C 213 14.21 -18.84 35.56
C ALA C 213 14.75 -19.67 36.71
N MET C 214 13.96 -20.66 37.12
CA MET C 214 14.36 -21.55 38.21
C MET C 214 15.17 -22.74 37.72
N TRP C 215 15.31 -22.89 36.40
CA TRP C 215 16.01 -24.03 35.82
C TRP C 215 16.57 -23.61 34.47
N GLY C 216 17.72 -24.18 34.13
CA GLY C 216 18.37 -23.85 32.86
C GLY C 216 18.78 -22.40 32.74
N ASN C 217 19.07 -21.75 33.87
CA ASN C 217 19.53 -20.37 33.89
C ASN C 217 21.05 -20.25 33.91
N LYS C 218 21.74 -21.30 34.35
CA LYS C 218 23.21 -21.40 34.31
C LYS C 218 23.94 -20.15 34.79
N PRO D 2 0.17 -9.20 -10.71
CA PRO D 2 1.05 -8.01 -10.67
C PRO D 2 0.47 -6.84 -11.45
N MET D 3 1.07 -5.65 -11.27
CA MET D 3 0.73 -4.51 -12.11
C MET D 3 1.35 -4.68 -13.49
N ILE D 4 0.65 -4.19 -14.52
CA ILE D 4 1.13 -4.21 -15.89
C ILE D 4 1.27 -2.76 -16.36
N LEU D 5 2.49 -2.36 -16.71
CA LEU D 5 2.78 -1.04 -17.28
C LEU D 5 2.86 -1.16 -18.78
N GLY D 6 1.87 -0.57 -19.49
CA GLY D 6 1.83 -0.61 -20.93
C GLY D 6 2.42 0.66 -21.49
N TYR D 7 3.36 0.51 -22.43
CA TYR D 7 3.89 1.66 -23.14
C TYR D 7 4.73 1.17 -24.32
N TRP D 8 5.04 2.11 -25.20
CA TRP D 8 5.94 1.85 -26.31
C TRP D 8 7.30 1.41 -25.77
N ASP D 9 8.08 0.79 -26.66
CA ASP D 9 9.46 0.39 -26.39
C ASP D 9 10.36 1.60 -26.29
N ILE D 10 9.95 2.57 -25.48
CA ILE D 10 10.51 3.91 -25.53
C ILE D 10 10.51 4.48 -24.13
N ARG D 11 11.52 5.32 -23.84
CA ARG D 11 11.55 6.06 -22.60
C ARG D 11 10.26 6.86 -22.47
N GLY D 12 10.16 7.95 -23.23
CA GLY D 12 8.97 8.76 -23.42
C GLY D 12 8.26 9.05 -22.12
N LEU D 13 6.92 9.12 -22.21
CA LEU D 13 6.06 9.43 -21.08
C LEU D 13 6.08 8.38 -19.98
N ALA D 14 6.77 7.26 -20.17
CA ALA D 14 6.75 6.20 -19.17
C ALA D 14 7.96 6.25 -18.24
N HIS D 15 8.93 7.14 -18.49
CA HIS D 15 10.17 7.14 -17.72
C HIS D 15 9.92 7.41 -16.24
N ALA D 16 9.15 8.45 -15.92
CA ALA D 16 9.00 8.81 -14.52
C ALA D 16 8.16 7.77 -13.77
N ILE D 17 7.31 7.05 -14.49
CA ILE D 17 6.55 5.94 -13.90
C ILE D 17 7.47 4.76 -13.58
N ARG D 18 8.38 4.40 -14.49
CA ARG D 18 9.32 3.32 -14.22
C ARG D 18 10.15 3.60 -12.99
N LEU D 19 10.70 4.82 -12.89
CA LEU D 19 11.42 5.22 -11.69
C LEU D 19 10.54 5.09 -10.44
N LEU D 20 9.27 5.46 -10.56
CA LEU D 20 8.40 5.42 -9.39
C LEU D 20 8.14 3.98 -8.93
N LEU D 21 7.89 3.06 -9.87
CA LEU D 21 7.66 1.67 -9.49
C LEU D 21 8.94 1.00 -9.02
N GLU D 22 10.08 1.38 -9.60
CA GLU D 22 11.36 0.82 -9.16
C GLU D 22 11.86 1.48 -7.88
N TYR D 23 11.21 2.54 -7.43
CA TYR D 23 11.53 3.10 -6.12
C TYR D 23 10.65 2.54 -5.02
N THR D 24 9.35 2.40 -5.28
CA THR D 24 8.44 1.83 -4.29
C THR D 24 8.62 0.31 -4.15
N GLY D 25 9.42 -0.32 -5.00
CA GLY D 25 9.48 -1.78 -4.97
C GLY D 25 8.15 -2.41 -5.31
N SER D 26 7.34 -1.73 -6.11
CA SER D 26 6.08 -2.31 -6.59
C SER D 26 6.38 -3.52 -7.46
N ASP D 27 5.43 -4.44 -7.51
CA ASP D 27 5.60 -5.66 -8.30
C ASP D 27 4.91 -5.47 -9.64
N TYR D 28 5.71 -5.30 -10.70
CA TYR D 28 5.18 -4.87 -11.98
C TYR D 28 5.96 -5.50 -13.12
N GLU D 29 5.26 -5.70 -14.22
CA GLU D 29 5.87 -6.08 -15.49
C GLU D 29 5.43 -5.09 -16.57
N GLU D 30 6.21 -5.07 -17.64
CA GLU D 30 5.96 -4.15 -18.75
C GLU D 30 5.46 -4.92 -19.95
N LYS D 31 4.30 -4.51 -20.46
CA LYS D 31 3.89 -4.89 -21.81
C LYS D 31 4.44 -3.84 -22.75
N ILE D 32 5.44 -4.23 -23.53
CA ILE D 32 6.23 -3.33 -24.35
C ILE D 32 5.69 -3.42 -25.77
N TYR D 33 5.03 -2.37 -26.24
CA TYR D 33 4.57 -2.35 -27.63
C TYR D 33 5.68 -1.76 -28.49
N SER D 34 6.06 -2.49 -29.52
CA SER D 34 7.00 -1.99 -30.51
C SER D 34 6.26 -1.37 -31.68
N MET D 35 6.84 -0.33 -32.24
CA MET D 35 6.30 0.35 -33.41
C MET D 35 7.10 -0.03 -34.65
N GLY D 36 6.47 0.10 -35.81
CA GLY D 36 7.11 -0.23 -37.07
C GLY D 36 8.02 0.87 -37.56
N ASP D 37 8.81 0.52 -38.57
CA ASP D 37 9.75 1.44 -39.17
C ASP D 37 9.04 2.41 -40.09
N ALA D 38 9.71 3.54 -40.36
CA ALA D 38 9.21 4.53 -41.29
C ALA D 38 8.97 3.88 -42.66
N PRO D 39 8.06 4.43 -43.48
CA PRO D 39 7.26 5.65 -43.22
C PRO D 39 5.96 5.36 -42.50
N ASP D 40 5.55 4.08 -42.47
CA ASP D 40 4.25 3.72 -41.92
C ASP D 40 4.21 3.87 -40.40
N TYR D 41 5.27 3.41 -39.71
CA TYR D 41 5.32 3.42 -38.24
C TYR D 41 4.17 2.59 -37.67
N ASP D 42 4.04 1.38 -38.18
CA ASP D 42 2.87 0.54 -37.92
C ASP D 42 2.60 0.39 -36.43
N ARG D 43 1.37 0.70 -36.02
CA ARG D 43 0.95 0.65 -34.63
C ARG D 43 -0.07 -0.44 -34.35
N SER D 44 -0.17 -1.45 -35.22
CA SER D 44 -1.26 -2.41 -35.12
C SER D 44 -1.11 -3.29 -33.88
N GLN D 45 0.12 -3.58 -33.46
CA GLN D 45 0.36 -4.30 -32.22
C GLN D 45 -0.36 -3.66 -31.03
N TRP D 46 -0.45 -2.33 -31.03
CA TRP D 46 -1.20 -1.64 -29.99
C TRP D 46 -2.64 -1.42 -30.41
N LEU D 47 -2.85 -0.96 -31.64
CA LEU D 47 -4.20 -0.64 -32.09
C LEU D 47 -5.11 -1.85 -32.01
N SER D 48 -4.55 -3.07 -32.04
CA SER D 48 -5.33 -4.31 -32.01
C SER D 48 -5.67 -4.78 -30.61
N GLU D 49 -5.18 -4.11 -29.56
CA GLU D 49 -5.64 -4.38 -28.20
C GLU D 49 -6.21 -3.15 -27.51
N LYS D 50 -5.87 -1.93 -27.99
CA LYS D 50 -6.26 -0.65 -27.40
C LYS D 50 -7.66 -0.68 -26.79
N PHE D 51 -8.62 -1.27 -27.51
CA PHE D 51 -10.02 -1.24 -27.12
C PHE D 51 -10.48 -2.54 -26.43
N LYS D 52 -9.58 -3.50 -26.21
CA LYS D 52 -9.95 -4.79 -25.62
C LYS D 52 -9.32 -4.99 -24.25
N LEU D 53 -8.85 -3.93 -23.60
CA LEU D 53 -8.28 -4.11 -22.28
C LEU D 53 -9.14 -3.50 -21.18
N GLY D 54 -10.35 -3.04 -21.49
CA GLY D 54 -11.20 -2.50 -20.44
C GLY D 54 -10.80 -1.13 -19.91
N LEU D 55 -10.05 -0.34 -20.68
CA LEU D 55 -9.71 1.04 -20.28
C LEU D 55 -10.87 2.00 -20.59
N ASP D 56 -11.13 2.94 -19.67
CA ASP D 56 -12.19 3.91 -19.93
C ASP D 56 -11.81 4.84 -21.09
N PHE D 57 -10.61 5.43 -21.05
CA PHE D 57 -10.10 6.32 -22.09
C PHE D 57 -8.84 5.67 -22.67
N PRO D 58 -9.01 4.66 -23.54
CA PRO D 58 -7.86 3.88 -24.02
C PRO D 58 -6.71 4.76 -24.49
N ASN D 59 -5.54 4.58 -23.90
CA ASN D 59 -4.40 5.45 -24.18
C ASN D 59 -3.13 4.70 -23.78
N LEU D 60 -2.00 5.28 -24.19
CA LEU D 60 -0.70 4.83 -23.72
C LEU D 60 0.01 6.00 -23.04
N PRO D 61 0.64 5.78 -21.87
CA PRO D 61 0.72 4.55 -21.08
C PRO D 61 -0.58 4.21 -20.38
N TYR D 62 -0.76 2.93 -20.08
CA TYR D 62 -1.84 2.52 -19.18
C TYR D 62 -1.23 1.77 -18.00
N LEU D 63 -2.03 1.53 -16.97
CA LEU D 63 -1.62 0.67 -15.86
C LEU D 63 -2.77 -0.24 -15.47
N ILE D 64 -2.57 -1.56 -15.60
CA ILE D 64 -3.49 -2.56 -15.07
C ILE D 64 -3.04 -2.93 -13.67
N ASP D 65 -3.99 -3.03 -12.73
CA ASP D 65 -3.68 -3.44 -11.35
C ASP D 65 -4.98 -3.94 -10.71
N GLY D 66 -5.25 -5.24 -10.89
CA GLY D 66 -6.47 -5.81 -10.35
C GLY D 66 -7.67 -5.41 -11.20
N ALA D 67 -8.76 -5.01 -10.55
CA ALA D 67 -9.88 -4.41 -11.26
C ALA D 67 -9.62 -2.96 -11.71
N HIS D 68 -8.53 -2.34 -11.27
CA HIS D 68 -8.23 -0.95 -11.63
C HIS D 68 -7.50 -0.88 -12.96
N ARG D 69 -8.06 -0.10 -13.89
CA ARG D 69 -7.49 0.09 -15.23
C ARG D 69 -7.31 1.60 -15.47
N LEU D 70 -6.07 2.08 -15.42
CA LEU D 70 -5.79 3.51 -15.55
C LEU D 70 -5.11 3.84 -16.87
N THR D 71 -5.45 5.00 -17.42
CA THR D 71 -4.64 5.73 -18.39
C THR D 71 -4.28 7.09 -17.76
N GLN D 72 -3.56 7.92 -18.53
CA GLN D 72 -3.05 9.25 -18.13
C GLN D 72 -1.84 9.17 -17.20
N SER D 73 -0.65 9.50 -17.75
CA SER D 73 0.60 9.30 -17.02
C SER D 73 0.58 9.90 -15.61
N ASN D 74 -0.05 11.07 -15.45
CA ASN D 74 -0.08 11.68 -14.12
C ASN D 74 -1.00 10.92 -13.16
N ALA D 75 -2.14 10.42 -13.65
CA ALA D 75 -3.00 9.60 -12.77
C ALA D 75 -2.30 8.30 -12.35
N ILE D 76 -1.42 7.77 -13.19
CA ILE D 76 -0.69 6.54 -12.84
C ILE D 76 0.35 6.83 -11.76
N LEU D 77 1.14 7.89 -11.94
CA LEU D 77 2.08 8.32 -10.90
C LEU D 77 1.37 8.56 -9.57
N ARG D 78 0.21 9.23 -9.60
CA ARG D 78 -0.50 9.51 -8.34
C ARG D 78 -1.09 8.24 -7.73
N TYR D 79 -1.62 7.35 -8.56
CA TYR D 79 -2.16 6.08 -8.05
C TYR D 79 -1.09 5.32 -7.29
N ILE D 80 0.13 5.28 -7.83
CA ILE D 80 1.26 4.67 -7.13
C ILE D 80 1.62 5.47 -5.89
N ALA D 81 1.71 6.79 -6.03
CA ALA D 81 2.13 7.66 -4.93
C ALA D 81 1.30 7.43 -3.67
N ARG D 82 -0.02 7.38 -3.83
CA ARG D 82 -0.90 7.15 -2.69
C ARG D 82 -0.69 5.76 -2.08
N LYS D 83 -0.27 4.79 -2.89
CA LYS D 83 -0.01 3.46 -2.37
C LYS D 83 1.23 3.43 -1.49
N HIS D 84 2.07 4.47 -1.56
CA HIS D 84 3.37 4.40 -0.90
C HIS D 84 3.76 5.72 -0.25
N ASN D 85 2.77 6.49 0.24
CA ASN D 85 3.05 7.65 1.09
C ASN D 85 3.98 8.66 0.41
N LEU D 86 3.69 8.97 -0.86
CA LEU D 86 4.58 9.79 -1.68
C LEU D 86 3.90 11.02 -2.32
N CSO D 87 3.05 11.68 -1.54
CA CSO D 87 2.55 12.98 -1.93
CB CSO D 87 1.22 12.85 -2.66
SG CSO D 87 0.30 11.38 -2.17
C CSO D 87 2.46 13.88 -0.71
O CSO D 87 2.39 13.41 0.42
OD CSO D 87 -1.33 11.80 -1.60
N GLY D 88 2.46 15.19 -0.96
CA GLY D 88 2.52 16.19 0.08
C GLY D 88 1.46 16.07 1.15
N GLU D 89 1.83 16.44 2.38
CA GLU D 89 0.92 16.39 3.52
C GLU D 89 0.34 17.76 3.87
N THR D 90 1.18 18.79 3.98
CA THR D 90 0.68 20.13 4.29
C THR D 90 0.11 20.78 3.03
N GLU D 91 -0.35 22.02 3.19
CA GLU D 91 -0.95 22.76 2.09
C GLU D 91 0.11 23.44 1.23
N GLU D 92 1.23 23.87 1.82
CA GLU D 92 2.33 24.35 0.98
C GLU D 92 2.87 23.23 0.11
N GLU D 93 2.93 22.01 0.64
CA GLU D 93 3.42 20.89 -0.15
C GLU D 93 2.45 20.53 -1.26
N LYS D 94 1.16 20.45 -0.94
CA LYS D 94 0.18 20.03 -1.96
C LYS D 94 0.13 21.03 -3.10
N ILE D 95 0.23 22.33 -2.77
CA ILE D 95 0.25 23.37 -3.79
C ILE D 95 1.48 23.22 -4.68
N ARG D 96 2.65 23.00 -4.06
CA ARG D 96 3.88 22.89 -4.84
C ARG D 96 3.87 21.65 -5.73
N VAL D 97 3.36 20.54 -5.19
CA VAL D 97 3.18 19.32 -5.97
C VAL D 97 2.32 19.61 -7.21
N ASP D 98 1.11 20.13 -6.99
CA ASP D 98 0.17 20.36 -8.08
C ASP D 98 0.71 21.30 -9.15
N VAL D 99 1.28 22.45 -8.73
CA VAL D 99 1.78 23.42 -9.71
C VAL D 99 2.90 22.80 -10.56
N LEU D 100 3.90 22.21 -9.91
CA LEU D 100 5.02 21.61 -10.65
C LEU D 100 4.59 20.40 -11.48
N GLU D 101 3.59 19.65 -11.03
CA GLU D 101 3.15 18.53 -11.85
C GLU D 101 2.61 19.03 -13.19
N ASN D 102 1.75 20.05 -13.15
CA ASN D 102 1.17 20.59 -14.39
C ASN D 102 2.20 21.37 -15.20
N GLN D 103 3.05 22.15 -14.52
CA GLN D 103 4.13 22.83 -15.20
C GLN D 103 5.06 21.84 -15.92
N ALA D 104 5.38 20.72 -15.27
CA ALA D 104 6.32 19.77 -15.86
C ALA D 104 5.82 19.27 -17.20
N MET D 105 4.52 18.98 -17.30
CA MET D 105 3.95 18.52 -18.56
C MET D 105 4.01 19.63 -19.61
N ASP D 106 3.70 20.86 -19.21
CA ASP D 106 3.79 21.97 -20.16
C ASP D 106 5.21 22.16 -20.70
N THR D 107 6.21 21.97 -19.85
CA THR D 107 7.58 22.13 -20.32
C THR D 107 8.02 20.93 -21.17
N ARG D 108 7.54 19.73 -20.83
CA ARG D 108 7.76 18.56 -21.68
C ARG D 108 7.15 18.77 -23.07
N LEU D 109 5.90 19.23 -23.11
CA LEU D 109 5.18 19.38 -24.36
C LEU D 109 5.86 20.42 -25.26
N ASP D 110 6.36 21.51 -24.67
CA ASP D 110 7.09 22.49 -25.46
C ASP D 110 8.30 21.86 -26.13
N PHE D 111 9.05 21.04 -25.39
CA PHE D 111 10.21 20.38 -25.99
C PHE D 111 9.78 19.35 -27.01
N ALA D 112 8.69 18.62 -26.69
CA ALA D 112 8.20 17.55 -27.56
C ALA D 112 7.72 18.09 -28.89
N ARG D 113 6.90 19.15 -28.87
CA ARG D 113 6.34 19.73 -30.08
C ARG D 113 7.44 20.22 -31.05
N VAL D 114 8.47 20.88 -30.53
CA VAL D 114 9.56 21.32 -31.41
C VAL D 114 10.27 20.11 -32.01
N CYS D 115 10.52 19.07 -31.22
CA CYS D 115 11.31 17.93 -31.70
C CYS D 115 10.51 17.06 -32.64
N TYR D 116 9.20 16.93 -32.42
CA TYR D 116 8.40 16.17 -33.37
C TYR D 116 8.08 16.96 -34.62
N ASN D 117 8.36 18.26 -34.64
CA ASN D 117 7.98 19.10 -35.76
C ASN D 117 8.93 18.87 -36.94
N PRO D 118 8.40 18.68 -38.16
CA PRO D 118 9.29 18.56 -39.31
C PRO D 118 10.24 19.73 -39.44
N ASP D 119 9.79 20.93 -39.10
CA ASP D 119 10.63 22.12 -39.18
C ASP D 119 11.64 22.24 -38.04
N PHE D 120 11.97 21.12 -37.39
CA PHE D 120 12.77 21.13 -36.16
C PHE D 120 14.09 21.88 -36.33
N GLU D 121 14.76 21.71 -37.49
CA GLU D 121 16.09 22.30 -37.66
C GLU D 121 16.05 23.83 -37.61
N LYS D 122 15.06 24.43 -38.28
CA LYS D 122 14.94 25.88 -38.31
C LYS D 122 14.51 26.43 -36.95
N LEU D 123 13.74 25.63 -36.19
CA LEU D 123 13.24 26.04 -34.89
C LEU D 123 14.24 25.82 -33.76
N LYS D 124 15.26 24.99 -33.99
CA LYS D 124 16.12 24.55 -32.88
C LYS D 124 16.89 25.71 -32.25
N PRO D 125 17.67 26.51 -32.99
CA PRO D 125 18.34 27.64 -32.32
C PRO D 125 17.37 28.56 -31.59
N GLY D 126 16.20 28.83 -32.17
CA GLY D 126 15.21 29.63 -31.46
C GLY D 126 14.76 29.01 -30.15
N PHE D 127 14.56 27.68 -30.15
CA PHE D 127 14.15 27.00 -28.93
C PHE D 127 15.26 27.03 -27.88
N LEU D 128 16.52 26.90 -28.31
CA LEU D 128 17.64 27.00 -27.38
C LEU D 128 17.65 28.33 -26.64
N LYS D 129 17.23 29.40 -27.31
CA LYS D 129 17.19 30.72 -26.68
C LYS D 129 16.08 30.84 -25.64
N GLU D 130 15.14 29.89 -25.60
CA GLU D 130 14.10 29.88 -24.59
C GLU D 130 14.45 29.03 -23.38
N ILE D 131 15.53 28.26 -23.44
CA ILE D 131 15.81 27.28 -22.41
C ILE D 131 16.35 27.91 -21.12
N PRO D 132 17.30 28.87 -21.16
CA PRO D 132 17.79 29.41 -19.89
C PRO D 132 16.70 30.02 -19.01
N GLU D 133 15.69 30.66 -19.59
CA GLU D 133 14.64 31.25 -18.76
C GLU D 133 13.78 30.16 -18.11
N LYS D 134 13.54 29.04 -18.80
CA LYS D 134 12.80 27.93 -18.18
C LYS D 134 13.56 27.37 -16.98
N MET D 135 14.87 27.14 -17.15
CA MET D 135 15.66 26.51 -16.08
C MET D 135 15.74 27.41 -14.86
N LYS D 136 15.89 28.72 -15.06
CA LYS D 136 15.93 29.67 -13.96
C LYS D 136 14.67 29.56 -13.11
N LEU D 137 13.51 29.41 -13.77
CA LEU D 137 12.25 29.30 -13.03
C LEU D 137 12.25 28.04 -12.17
N PHE D 138 12.73 26.92 -12.71
CA PHE D 138 12.84 25.70 -11.92
C PHE D 138 13.82 25.87 -10.77
N SER D 139 14.96 26.52 -11.00
CA SER D 139 15.98 26.66 -9.96
C SER D 139 15.50 27.57 -8.84
N GLU D 140 14.83 28.68 -9.19
CA GLU D 140 14.29 29.57 -8.17
C GLU D 140 13.12 28.94 -7.42
N PHE D 141 12.39 28.03 -8.07
CA PHE D 141 11.30 27.32 -7.40
C PHE D 141 11.83 26.37 -6.34
N LEU D 142 12.86 25.59 -6.66
CA LEU D 142 13.42 24.66 -5.68
C LEU D 142 14.05 25.39 -4.50
N GLY D 143 14.78 26.48 -4.77
CA GLY D 143 15.43 27.20 -3.68
C GLY D 143 16.42 26.31 -2.95
N LYS D 144 16.49 26.48 -1.64
CA LYS D 144 17.36 25.67 -0.79
C LYS D 144 16.68 24.44 -0.26
N ARG D 145 15.48 24.13 -0.75
CA ARG D 145 14.81 22.93 -0.34
C ARG D 145 15.60 21.69 -0.78
N THR D 146 15.36 20.59 -0.08
CA THR D 146 16.00 19.32 -0.42
C THR D 146 15.17 18.48 -1.39
N TRP D 147 13.87 18.74 -1.50
CA TRP D 147 13.05 18.23 -2.59
C TRP D 147 12.12 19.35 -3.02
N PHE D 148 11.47 19.16 -4.17
CA PHE D 148 10.73 20.26 -4.78
C PHE D 148 9.54 20.70 -3.93
N ALA D 149 8.94 19.78 -3.17
CA ALA D 149 7.77 20.11 -2.36
C ALA D 149 8.11 20.56 -0.95
N GLY D 150 9.29 20.19 -0.43
CA GLY D 150 9.67 20.55 0.92
C GLY D 150 10.94 19.86 1.36
N ASP D 151 10.87 19.09 2.43
CA ASP D 151 12.01 18.28 2.86
C ASP D 151 11.80 16.79 2.62
N LYS D 152 10.61 16.38 2.16
CA LYS D 152 10.35 14.98 1.89
C LYS D 152 10.22 14.74 0.38
N LEU D 153 10.67 13.56 -0.03
CA LEU D 153 10.60 13.16 -1.43
C LEU D 153 9.15 12.93 -1.84
N ASN D 154 8.83 13.32 -3.08
CA ASN D 154 7.48 13.33 -3.62
C ASN D 154 7.48 12.67 -4.99
N TYR D 155 6.28 12.32 -5.47
CA TYR D 155 6.22 11.85 -6.86
C TYR D 155 6.59 12.95 -7.85
N VAL D 156 6.33 14.23 -7.51
CA VAL D 156 6.68 15.31 -8.44
C VAL D 156 8.18 15.39 -8.64
N ASP D 157 8.97 15.01 -7.62
CA ASP D 157 10.41 14.95 -7.78
C ASP D 157 10.77 14.03 -8.95
N PHE D 158 10.01 12.94 -9.15
CA PHE D 158 10.25 12.04 -10.27
C PHE D 158 9.97 12.71 -11.61
N LEU D 159 8.82 13.39 -11.72
CA LEU D 159 8.53 14.18 -12.92
C LEU D 159 9.61 15.23 -13.18
N ALA D 160 10.05 15.93 -12.13
CA ALA D 160 11.03 17.00 -12.29
C ALA D 160 12.37 16.45 -12.78
N TYR D 161 12.81 15.32 -12.23
CA TYR D 161 14.05 14.71 -12.71
C TYR D 161 13.95 14.37 -14.19
N ASP D 162 12.78 13.88 -14.62
CA ASP D 162 12.62 13.44 -16.00
C ASP D 162 12.78 14.61 -16.96
N VAL D 163 12.04 15.69 -16.71
CA VAL D 163 12.02 16.84 -17.61
C VAL D 163 13.39 17.50 -17.65
N LEU D 164 13.93 17.85 -16.47
CA LEU D 164 15.26 18.43 -16.39
C LEU D 164 16.28 17.58 -17.14
N ASP D 165 16.20 16.26 -16.98
CA ASP D 165 17.16 15.37 -17.63
C ASP D 165 17.06 15.46 -19.14
N VAL D 166 15.83 15.38 -19.65
CA VAL D 166 15.58 15.43 -21.10
C VAL D 166 16.16 16.71 -21.68
N TYR D 167 15.93 17.83 -21.00
CA TYR D 167 16.45 19.13 -21.45
C TYR D 167 17.97 19.15 -21.39
N ARG D 168 18.56 18.60 -20.32
CA ARG D 168 20.02 18.61 -20.21
C ARG D 168 20.68 17.63 -21.19
N ILE D 169 19.94 16.63 -21.67
CA ILE D 169 20.45 15.80 -22.76
C ILE D 169 20.44 16.59 -24.06
N PHE D 170 19.35 17.31 -24.33
CA PHE D 170 19.25 18.13 -25.54
C PHE D 170 20.20 19.33 -25.49
N GLU D 171 20.59 19.75 -24.30
CA GLU D 171 21.47 20.92 -24.15
C GLU D 171 22.29 20.71 -22.88
N PRO D 172 23.46 20.09 -22.99
CA PRO D 172 24.26 19.78 -21.80
C PRO D 172 24.69 21.01 -21.03
N LYS D 173 24.71 22.18 -21.66
CA LYS D 173 25.06 23.43 -21.01
C LYS D 173 23.90 24.02 -20.18
N CYS D 174 22.69 23.47 -20.30
CA CYS D 174 21.50 24.19 -19.84
C CYS D 174 21.43 24.33 -18.30
N LEU D 175 22.04 23.41 -17.56
CA LEU D 175 21.95 23.41 -16.10
C LEU D 175 23.15 24.04 -15.37
N ASP D 176 24.13 24.56 -16.11
CA ASP D 176 25.42 24.87 -15.48
C ASP D 176 25.34 26.06 -14.52
N GLU D 177 24.51 27.06 -14.83
CA GLU D 177 24.39 28.24 -13.98
C GLU D 177 23.38 28.05 -12.84
N PHE D 178 22.98 26.82 -12.53
CA PHE D 178 21.99 26.54 -11.50
C PHE D 178 22.49 25.39 -10.63
N PRO D 179 23.27 25.70 -9.59
CA PRO D 179 23.88 24.63 -8.80
C PRO D 179 22.88 23.81 -8.00
N ASN D 180 21.76 24.39 -7.59
CA ASN D 180 20.84 23.66 -6.73
C ASN D 180 20.13 22.55 -7.51
N LEU D 181 19.81 22.82 -8.78
CA LEU D 181 19.23 21.78 -9.63
C LEU D 181 20.23 20.66 -9.89
N LYS D 182 21.51 21.02 -10.10
CA LYS D 182 22.54 20.01 -10.31
C LYS D 182 22.69 19.12 -9.09
N ASP D 183 22.59 19.71 -7.89
CA ASP D 183 22.58 18.92 -6.66
C ASP D 183 21.34 18.04 -6.55
N PHE D 184 20.19 18.56 -6.99
CA PHE D 184 18.95 17.78 -6.92
C PHE D 184 19.04 16.52 -7.76
N MET D 185 19.52 16.64 -9.00
CA MET D 185 19.65 15.49 -9.88
C MET D 185 20.55 14.44 -9.25
N SER D 186 21.76 14.84 -8.82
CA SER D 186 22.68 13.93 -8.17
C SER D 186 22.04 13.24 -6.97
N ARG D 187 21.28 14.00 -6.17
CA ARG D 187 20.63 13.40 -5.02
C ARG D 187 19.61 12.34 -5.44
N PHE D 188 18.83 12.65 -6.47
CA PHE D 188 17.80 11.72 -6.94
C PHE D 188 18.41 10.40 -7.42
N GLU D 189 19.54 10.46 -8.12
CA GLU D 189 20.20 9.25 -8.60
C GLU D 189 20.86 8.45 -7.49
N GLY D 190 21.21 9.09 -6.38
CA GLY D 190 21.80 8.39 -5.26
C GLY D 190 20.83 7.63 -4.40
N LEU D 191 19.52 7.85 -4.57
CA LEU D 191 18.54 7.05 -3.86
C LEU D 191 18.72 5.57 -4.21
N LYS D 192 18.74 4.72 -3.17
CA LYS D 192 19.26 3.36 -3.34
C LYS D 192 18.52 2.62 -4.44
N LYS D 193 17.22 2.38 -4.26
CA LYS D 193 16.47 1.58 -5.23
C LYS D 193 16.30 2.29 -6.57
N ILE D 194 16.77 3.54 -6.67
CA ILE D 194 16.89 4.22 -7.95
C ILE D 194 18.26 3.96 -8.59
N SER D 195 19.32 4.05 -7.77
CA SER D 195 20.66 3.72 -8.25
C SER D 195 20.71 2.34 -8.90
N ALA D 196 19.97 1.38 -8.37
CA ALA D 196 20.09 0.00 -8.85
C ALA D 196 19.30 -0.22 -10.14
N TYR D 197 18.10 0.36 -10.24
CA TYR D 197 17.33 0.26 -11.49
C TYR D 197 18.09 0.90 -12.65
N MET D 198 18.57 2.13 -12.45
CA MET D 198 19.49 2.69 -13.41
C MET D 198 20.70 1.77 -13.52
N LYS D 199 21.39 1.86 -14.66
CA LYS D 199 22.52 1.00 -15.02
C LYS D 199 22.16 -0.48 -15.02
N SER D 200 20.87 -0.83 -15.02
CA SER D 200 20.44 -2.22 -15.14
C SER D 200 20.41 -2.64 -16.60
N SER D 201 21.57 -2.48 -17.25
CA SER D 201 21.76 -2.60 -18.69
C SER D 201 20.62 -2.08 -19.53
N ARG D 202 19.47 -2.76 -19.47
CA ARG D 202 18.28 -2.32 -20.18
C ARG D 202 17.52 -1.23 -19.45
N PHE D 203 18.20 -0.50 -18.57
CA PHE D 203 17.66 0.77 -18.10
C PHE D 203 17.63 1.74 -19.28
N LEU D 204 16.45 1.95 -19.85
CA LEU D 204 16.33 2.60 -21.15
C LEU D 204 16.20 4.10 -20.94
N ARG D 205 17.33 4.80 -21.00
CA ARG D 205 17.34 6.26 -20.96
C ARG D 205 17.20 6.89 -22.34
N SER D 206 17.21 6.08 -23.39
CA SER D 206 17.02 6.54 -24.76
C SER D 206 16.61 5.31 -25.57
N PRO D 207 15.84 5.48 -26.66
CA PRO D 207 15.37 6.72 -27.32
C PRO D 207 14.44 7.57 -26.45
N LEU D 208 14.45 8.87 -26.71
CA LEU D 208 13.57 9.77 -25.97
C LEU D 208 12.14 9.72 -26.52
N PHE D 209 11.99 9.82 -27.83
CA PHE D 209 10.71 9.90 -28.51
C PHE D 209 10.51 8.66 -29.39
N LEU D 210 9.38 8.64 -30.08
CA LEU D 210 9.06 7.61 -31.05
C LEU D 210 9.93 7.80 -32.31
N LYS D 211 9.88 6.80 -33.20
CA LYS D 211 10.82 6.77 -34.32
C LYS D 211 10.62 7.94 -35.28
N MET D 212 9.39 8.46 -35.40
CA MET D 212 9.11 9.56 -36.33
C MET D 212 9.57 10.93 -35.82
N ALA D 213 10.22 11.01 -34.66
CA ALA D 213 10.74 12.29 -34.18
C ALA D 213 11.99 12.72 -34.95
N MET D 214 12.30 14.01 -34.89
CA MET D 214 13.49 14.55 -35.53
C MET D 214 14.74 14.42 -34.67
N TRP D 215 14.58 14.13 -33.38
CA TRP D 215 15.68 14.11 -32.43
C TRP D 215 15.33 13.12 -31.33
N GLY D 216 16.34 12.44 -30.81
CA GLY D 216 16.09 11.39 -29.84
C GLY D 216 15.39 10.18 -30.45
N ASN D 217 15.93 9.70 -31.57
CA ASN D 217 15.38 8.55 -32.29
C ASN D 217 15.99 7.24 -31.86
N LYS D 218 17.22 7.26 -31.37
CA LYS D 218 17.97 6.05 -31.07
C LYS D 218 18.43 6.02 -29.60
N1 GTB E . -2.38 -22.09 19.72
CA1 GTB E . -3.65 -22.83 19.67
C1 GTB E . -4.48 -22.24 18.54
O11 GTB E . -5.38 -22.94 17.95
O12 GTB E . -4.24 -21.04 18.18
CB1 GTB E . -4.41 -22.71 21.00
CG1 GTB E . -5.46 -23.86 21.08
CD1 GTB E . -6.13 -23.88 22.47
OE1 GTB E . -5.51 -23.64 23.46
N2 GTB E . -7.53 -24.21 22.57
CA2 GTB E . -8.19 -24.24 23.86
C2 GTB E . -9.18 -25.45 24.00
O2 GTB E . -10.33 -25.30 24.19
CB2 GTB E . -8.99 -22.94 23.89
SG2 GTB E . -9.46 -22.64 25.62
N3 GTB E . -8.84 -26.83 23.94
CA3 GTB E . -7.51 -27.25 23.76
C3 GTB E . -7.42 -28.65 24.33
O31 GTB E . -8.41 -29.43 24.23
O32 GTB E . -6.34 -28.98 24.87
C' GTB E . -7.95 -21.95 26.35
C1' GTB E . -7.67 -20.62 25.64
C2' GTB E . -8.64 -19.63 25.72
C3' GTB E . -8.44 -18.40 25.11
C4' GTB E . -7.26 -18.16 24.42
N41 GTB E . -7.10 -16.86 23.80
O41 GTB E . -5.83 -16.40 23.39
O42 GTB E . -8.05 -16.18 23.64
C5' GTB E . -6.28 -19.15 24.33
C6' GTB E . -6.48 -20.38 24.95
NA NA F . -10.57 -38.62 26.65
NA NA G . -4.86 3.61 6.89
C FMT H . -9.32 -23.46 29.41
O1 FMT H . -8.98 -22.72 30.33
O2 FMT H . -10.39 -24.06 29.35
N1 GTB I . -1.47 24.41 -18.65
CA1 GTB I . -1.74 25.79 -18.25
C1 GTB I . -3.00 25.83 -17.39
O11 GTB I . -3.15 26.82 -16.61
O12 GTB I . -3.86 24.90 -17.43
CB1 GTB I . -1.91 26.63 -19.53
CG1 GTB I . -1.60 28.09 -19.27
CD1 GTB I . -1.75 28.89 -20.57
OE1 GTB I . -1.42 28.42 -21.61
N2 GTB I . -2.29 30.23 -20.53
CA2 GTB I . -2.41 31.00 -21.75
C2 GTB I . -1.99 32.46 -21.50
O2 GTB I . -2.80 33.31 -21.57
CB2 GTB I . -3.85 30.99 -22.24
SG2 GTB I . -3.82 31.35 -24.02
N3 GTB I . -0.66 32.91 -21.16
CA3 GTB I . 0.51 32.08 -21.07
C3 GTB I . 1.71 33.02 -20.93
O31 GTB I . 1.67 34.00 -20.14
O32 GTB I . 2.72 32.82 -21.65
C' GTB I . -3.20 29.89 -24.91
C1' GTB I . -4.10 28.70 -24.64
C2' GTB I . -5.38 28.67 -25.18
C3' GTB I . -6.20 27.59 -24.91
C4' GTB I . -5.76 26.54 -24.12
N41 GTB I . -6.62 25.40 -23.86
O41 GTB I . -6.30 24.53 -22.81
O42 GTB I . -7.58 25.22 -24.51
C5' GTB I . -4.48 26.57 -23.58
C6' GTB I . -3.65 27.66 -23.83
NA NA J . -15.27 5.72 -21.02
N1 GTB K . 6.01 -14.16 20.52
CA1 GTB K . 7.27 -13.41 20.60
C1 GTB K . 8.32 -14.11 19.70
O11 GTB K . 9.31 -13.46 19.26
O12 GTB K . 8.14 -15.31 19.35
CB1 GTB K . 7.75 -13.40 22.06
CG1 GTB K . 8.70 -12.23 22.30
CD1 GTB K . 9.16 -12.19 23.75
OE1 GTB K . 8.45 -12.55 24.62
N2 GTB K . 10.49 -11.69 24.08
CA2 GTB K . 10.91 -11.63 25.46
C2 GTB K . 11.87 -10.44 25.67
O2 GTB K . 13.00 -10.63 25.97
CB2 GTB K . 11.66 -12.93 25.75
SG2 GTB K . 11.65 -13.19 27.55
N3 GTB K . 11.51 -9.05 25.51
CA3 GTB K . 10.18 -8.61 25.17
C3 GTB K . 9.98 -7.17 25.68
O31 GTB K . 10.78 -6.25 25.35
O32 GTB K . 9.01 -6.91 26.43
C' GTB K . 10.03 -13.92 27.97
C1' GTB K . 9.97 -15.32 27.36
C2' GTB K . 10.97 -16.23 27.70
C3' GTB K . 10.93 -17.50 27.18
C4' GTB K . 9.91 -17.88 26.32
N41 GTB K . 9.91 -19.23 25.78
O41 GTB K . 8.70 -19.88 25.50
O42 GTB K . 10.95 -19.78 25.61
C5' GTB K . 8.92 -16.97 25.97
C6' GTB K . 8.95 -15.69 26.51
NA NA L . 16.55 -26.63 0.17
N1 GTB M . -1.87 13.25 -21.45
CA1 GTB M . -1.59 11.85 -21.77
C1 GTB M . -0.75 11.19 -20.66
O11 GTB M . -0.80 9.93 -20.47
O12 GTB M . -0.03 11.91 -19.92
CB1 GTB M . -0.91 11.74 -23.15
CG1 GTB M . -1.12 10.33 -23.71
CD1 GTB M . -0.51 10.25 -25.11
OE1 GTB M . -0.38 11.24 -25.77
N2 GTB M . -0.07 8.95 -25.61
CA2 GTB M . 0.53 8.74 -26.92
C2 GTB M . 0.39 7.30 -27.44
O2 GTB M . 1.38 6.68 -27.66
CB2 GTB M . 2.03 8.98 -26.76
SG2 GTB M . 2.79 9.39 -28.36
N3 GTB M . -0.85 6.59 -27.70
CA3 GTB M . -2.16 7.17 -27.51
C3 GTB M . -3.04 6.64 -28.62
O31 GTB M . -3.22 5.39 -28.76
O32 GTB M . -3.58 7.45 -29.41
C' GTB M . 2.58 11.19 -28.58
C1' GTB M . 3.43 11.95 -27.56
C2' GTB M . 4.79 11.70 -27.47
C3' GTB M . 5.56 12.39 -26.54
C4' GTB M . 4.97 13.32 -25.70
N41 GTB M . 5.79 14.04 -24.74
O41 GTB M . 5.28 15.22 -24.17
O42 GTB M . 6.85 13.64 -24.45
C5' GTB M . 3.61 13.57 -25.79
C6' GTB M . 2.84 12.89 -26.72
#